data_6T0E
#
_entry.id   6T0E
#
_cell.length_a   51.719
_cell.length_b   87.611
_cell.length_c   173.910
_cell.angle_alpha   90.000
_cell.angle_beta   90.000
_cell.angle_gamma   90.000
#
_symmetry.space_group_name_H-M   'P 21 21 21'
#
loop_
_entity.id
_entity.type
_entity.pdbx_description
1 polymer 'glucuronoyl esterase OtCE15A'
2 non-polymer 'alpha-D-glucopyranuronic acid'
3 non-polymer 'CHLORIDE ION'
4 non-polymer 'benzyl alpha-D-glucopyranuronate'
5 non-polymer 'TETRAETHYLENE GLYCOL'
6 non-polymer 1,2-ETHANEDIOL
7 non-polymer DI(HYDROXYETHYL)ETHER
8 non-polymer 'TRIETHYLENE GLYCOL'
9 non-polymer 'MAGNESIUM ION'
10 non-polymer 'trimethylamine oxide'
11 non-polymer 'DIMETHYL SULFOXIDE'
12 water water
#
_entity_poly.entity_id   1
_entity_poly.type   'polypeptide(L)'
_entity_poly.pdbx_seq_one_letter_code
;MGSSHHHHHHSSENLYFQGHSAYTLPDPLVGADGTRVHDRATWQHRRRPELLQLFAREVYGRTPLGRPEGMVFKVTTMEH
AALGGAATRKEVTVRFGRDPNAPSMQLLLYVPNAVIARAERAPVFLGLNFYGNHTVHTDPAIALSARWIPAEAPNGANHR
ATEAARGSDAQKWPVEQILARGYAVATVYCGDLCPDRPDGLNASVASWLDAAAGDQRAPDAWGAIGVWAWGLSRALDYLE
TDPLVDASRVAVHGHARLGKAALWAGAQDDRFALVISNESGCGGAALSKRIHGETVARINTVFPHWFARNFRRYDDHEEA
LPVDQHELLALVAPRPLYVASAEDDDWADPRGEFLAVKAAEPVFRLFGQTGPSGEDVPRVNEPSGGALRYHIRPGPHGMT
AQDWAFYLAFADEWLKSALPA
;
_entity_poly.pdbx_strand_id   A,B
#
loop_
_chem_comp.id
_chem_comp.type
_chem_comp.name
_chem_comp.formula
CL non-polymer 'CHLORIDE ION' 'Cl -1'
DMS non-polymer 'DIMETHYL SULFOXIDE' 'C2 H6 O S'
EDO non-polymer 1,2-ETHANEDIOL 'C2 H6 O2'
GCU D-saccharide, alpha linking 'alpha-D-glucopyranuronic acid' 'C6 H10 O7'
M55 D-saccharide, alpha linking 'benzyl alpha-D-glucopyranuronate' 'C13 H16 O7'
MG non-polymer 'MAGNESIUM ION' 'Mg 2'
PEG non-polymer DI(HYDROXYETHYL)ETHER 'C4 H10 O3'
PG4 non-polymer 'TETRAETHYLENE GLYCOL' 'C8 H18 O5'
PGE non-polymer 'TRIETHYLENE GLYCOL' 'C6 H14 O4'
TMO non-polymer 'trimethylamine oxide' 'C3 H9 N O'
#
# COMPACT_ATOMS: atom_id res chain seq x y z
N LEU A 25 -30.62 -20.79 -14.35
CA LEU A 25 -30.60 -19.33 -14.50
C LEU A 25 -31.40 -18.86 -15.69
N PRO A 26 -32.23 -17.81 -15.53
CA PRO A 26 -32.68 -17.07 -16.71
C PRO A 26 -31.48 -16.75 -17.60
N ASP A 27 -31.63 -16.96 -18.90
CA ASP A 27 -30.53 -16.69 -19.84
C ASP A 27 -30.50 -15.20 -20.12
N PRO A 28 -29.37 -14.50 -19.88
CA PRO A 28 -29.34 -13.05 -20.12
C PRO A 28 -29.64 -12.73 -21.57
N LEU A 29 -29.35 -13.66 -22.48
CA LEU A 29 -29.54 -13.46 -23.91
C LEU A 29 -30.89 -13.97 -24.42
N VAL A 30 -31.79 -14.40 -23.56
CA VAL A 30 -33.17 -14.65 -23.93
C VAL A 30 -34.06 -13.61 -23.24
N GLY A 31 -34.76 -12.81 -24.02
CA GLY A 31 -35.62 -11.77 -23.47
C GLY A 31 -36.81 -12.31 -22.71
N ALA A 32 -37.54 -11.39 -22.06
CA ALA A 32 -38.66 -11.80 -21.21
C ALA A 32 -39.83 -12.25 -22.06
N ASP A 33 -39.87 -11.86 -23.31
CA ASP A 33 -40.85 -12.33 -24.25
C ASP A 33 -40.38 -13.54 -25.04
N GLY A 34 -39.30 -14.20 -24.62
CA GLY A 34 -38.75 -15.37 -25.30
C GLY A 34 -37.83 -15.08 -26.49
N THR A 35 -37.63 -13.82 -26.82
CA THR A 35 -36.81 -13.42 -27.96
C THR A 35 -35.33 -13.62 -27.65
N ARG A 36 -34.62 -14.32 -28.53
CA ARG A 36 -33.20 -14.50 -28.33
C ARG A 36 -32.41 -13.31 -28.87
N VAL A 37 -31.45 -12.87 -28.07
CA VAL A 37 -30.60 -11.72 -28.41
C VAL A 37 -29.37 -12.23 -29.14
N HIS A 38 -29.20 -11.76 -30.38
CA HIS A 38 -28.08 -12.15 -31.23
C HIS A 38 -27.19 -10.98 -31.66
N ASP A 39 -27.41 -9.77 -31.16
CA ASP A 39 -26.65 -8.64 -31.67
C ASP A 39 -26.55 -7.59 -30.59
N ARG A 40 -25.52 -6.78 -30.70
CA ARG A 40 -25.21 -5.78 -29.71
C ARG A 40 -26.24 -4.66 -29.59
N ALA A 41 -26.90 -4.30 -30.67
CA ALA A 41 -27.90 -3.24 -30.61
C ALA A 41 -29.15 -3.68 -29.84
N THR A 42 -29.59 -4.91 -30.07
CA THR A 42 -30.71 -5.47 -29.32
C THR A 42 -30.38 -5.60 -27.85
N TRP A 43 -29.14 -6.01 -27.52
CA TRP A 43 -28.75 -6.04 -26.12
C TRP A 43 -28.93 -4.64 -25.53
N GLN A 44 -28.28 -3.70 -26.12
CA GLN A 44 -28.30 -2.38 -25.61
C GLN A 44 -29.64 -1.67 -25.55
N HIS A 45 -30.45 -1.81 -26.57
CA HIS A 45 -31.67 -1.01 -26.67
C HIS A 45 -32.93 -1.77 -26.26
N ARG A 46 -32.87 -3.09 -26.10
CA ARG A 46 -34.04 -3.86 -25.71
C ARG A 46 -33.80 -4.67 -24.45
N ARG A 47 -32.76 -5.50 -24.38
CA ARG A 47 -32.59 -6.38 -23.23
C ARG A 47 -32.13 -5.61 -21.99
N ARG A 48 -31.21 -4.65 -22.14
CA ARG A 48 -30.73 -3.89 -20.98
C ARG A 48 -31.87 -3.17 -20.27
N PRO A 49 -32.63 -2.30 -20.95
CA PRO A 49 -33.80 -1.69 -20.31
C PRO A 49 -34.71 -2.69 -19.61
N GLU A 50 -35.00 -3.80 -20.27
CA GLU A 50 -35.83 -4.85 -19.68
C GLU A 50 -35.26 -5.29 -18.34
N LEU A 51 -33.95 -5.55 -18.30
CA LEU A 51 -33.34 -6.03 -17.06
C LEU A 51 -33.31 -4.94 -16.01
N LEU A 52 -33.00 -3.71 -16.41
CA LEU A 52 -33.04 -2.60 -15.46
C LEU A 52 -34.41 -2.48 -14.82
N GLN A 53 -35.48 -2.62 -15.62
CA GLN A 53 -36.82 -2.47 -15.04
C GLN A 53 -37.13 -3.61 -14.08
N LEU A 54 -36.67 -4.82 -14.38
CA LEU A 54 -36.93 -5.95 -13.50
C LEU A 54 -36.14 -5.83 -12.18
N PHE A 55 -34.88 -5.43 -12.24
CA PHE A 55 -34.13 -5.26 -10.97
C PHE A 55 -34.75 -4.14 -10.15
N ALA A 56 -35.18 -3.07 -10.83
CA ALA A 56 -35.77 -1.96 -10.10
C ALA A 56 -37.08 -2.39 -9.45
N ARG A 57 -37.95 -3.07 -10.20
CA ARG A 57 -39.27 -3.40 -9.67
C ARG A 57 -39.19 -4.52 -8.62
N GLU A 58 -38.45 -5.59 -8.91
CA GLU A 58 -38.50 -6.76 -8.05
C GLU A 58 -37.38 -6.84 -7.03
N VAL A 59 -36.28 -6.09 -7.18
CA VAL A 59 -35.12 -6.33 -6.32
C VAL A 59 -34.78 -5.07 -5.52
N TYR A 60 -34.24 -4.04 -6.19
CA TYR A 60 -33.75 -2.85 -5.49
C TYR A 60 -34.84 -1.81 -5.26
N GLY A 61 -35.87 -1.81 -6.06
CA GLY A 61 -36.76 -0.67 -5.97
C GLY A 61 -36.44 0.37 -7.02
N ARG A 62 -37.46 1.11 -7.44
CA ARG A 62 -37.29 2.07 -8.50
C ARG A 62 -36.61 3.33 -8.00
N THR A 63 -35.61 3.80 -8.75
CA THR A 63 -34.98 5.09 -8.49
C THR A 63 -35.91 6.20 -8.95
N PRO A 64 -36.48 7.01 -8.06
CA PRO A 64 -37.57 7.91 -8.45
C PRO A 64 -37.14 9.21 -9.11
N LEU A 65 -35.84 9.48 -9.20
CA LEU A 65 -35.35 10.61 -9.98
C LEU A 65 -33.86 10.46 -10.25
N GLY A 66 -33.39 11.22 -11.25
CA GLY A 66 -31.98 11.21 -11.57
C GLY A 66 -31.31 12.35 -10.84
N ARG A 67 -30.61 13.16 -11.62
CA ARG A 67 -30.00 14.35 -11.10
C ARG A 67 -31.08 15.32 -10.64
N PRO A 68 -31.06 15.77 -9.40
CA PRO A 68 -32.06 16.75 -8.95
C PRO A 68 -31.80 18.13 -9.52
N GLU A 69 -32.84 18.76 -10.05
CA GLU A 69 -32.72 20.16 -10.41
C GLU A 69 -32.48 20.93 -9.14
N GLY A 70 -31.65 21.95 -9.22
CA GLY A 70 -31.36 22.72 -8.05
C GLY A 70 -30.37 22.12 -7.07
N MET A 71 -29.71 21.01 -7.40
CA MET A 71 -28.63 20.52 -6.55
C MET A 71 -27.51 21.55 -6.52
N VAL A 72 -26.90 21.74 -5.35
CA VAL A 72 -25.85 22.72 -5.13
C VAL A 72 -24.59 22.05 -4.63
N PHE A 73 -23.46 22.40 -5.25
CA PHE A 73 -22.13 21.98 -4.81
C PHE A 73 -21.44 23.14 -4.09
N LYS A 74 -21.00 22.91 -2.85
CA LYS A 74 -20.24 23.91 -2.09
C LYS A 74 -18.96 23.29 -1.53
N VAL A 75 -17.80 23.73 -2.04
CA VAL A 75 -16.52 23.30 -1.47
C VAL A 75 -16.34 24.01 -0.13
N THR A 76 -16.36 23.26 0.97
CA THR A 76 -16.18 23.83 2.28
C THR A 76 -14.74 23.88 2.75
N THR A 77 -13.89 22.93 2.34
CA THR A 77 -12.47 23.05 2.64
C THR A 77 -11.66 22.62 1.42
N MET A 78 -10.47 23.19 1.32
CA MET A 78 -9.52 22.83 0.28
C MET A 78 -8.13 23.04 0.83
N GLU A 79 -7.24 22.06 0.61
CA GLU A 79 -5.90 22.11 1.17
C GLU A 79 -4.98 21.51 0.12
N HIS A 80 -4.09 22.33 -0.45
CA HIS A 80 -3.18 21.92 -1.51
C HIS A 80 -1.98 21.12 -1.03
N ALA A 81 -1.73 21.07 0.27
CA ALA A 81 -0.57 20.35 0.76
C ALA A 81 -0.98 19.33 1.82
N ALA A 82 -2.17 18.75 1.67
CA ALA A 82 -2.59 17.68 2.57
C ALA A 82 -1.65 16.48 2.45
N LEU A 83 -1.64 15.63 3.49
CA LEU A 83 -0.88 14.39 3.52
C LEU A 83 0.61 14.67 3.24
N GLY A 84 1.16 15.64 3.98
CA GLY A 84 2.56 16.00 3.82
C GLY A 84 2.89 16.53 2.45
N GLY A 85 1.92 17.13 1.76
CA GLY A 85 2.12 17.64 0.44
C GLY A 85 1.85 16.65 -0.67
N ALA A 86 1.43 15.42 -0.34
CA ALA A 86 1.18 14.45 -1.39
C ALA A 86 -0.07 14.78 -2.19
N ALA A 87 -1.02 15.50 -1.61
CA ALA A 87 -2.33 15.58 -2.23
C ALA A 87 -3.00 16.93 -1.97
N THR A 88 -3.92 17.27 -2.87
CA THR A 88 -4.94 18.29 -2.61
C THR A 88 -6.19 17.62 -2.06
N ARG A 89 -6.65 18.06 -0.89
CA ARG A 89 -7.87 17.54 -0.27
C ARG A 89 -8.99 18.56 -0.40
N LYS A 90 -10.14 18.12 -0.91
CA LYS A 90 -11.34 18.93 -0.91
C LYS A 90 -12.43 18.23 -0.11
N GLU A 91 -13.21 18.99 0.63
CA GLU A 91 -14.49 18.53 1.15
C GLU A 91 -15.58 19.34 0.46
N VAL A 92 -16.59 18.66 -0.03
CA VAL A 92 -17.67 19.26 -0.82
C VAL A 92 -18.99 18.85 -0.21
N THR A 93 -19.82 19.84 0.12
CA THR A 93 -21.19 19.59 0.50
C THR A 93 -22.03 19.57 -0.78
N VAL A 94 -22.63 18.42 -1.04
CA VAL A 94 -23.51 18.26 -2.18
C VAL A 94 -24.93 18.29 -1.61
N ARG A 95 -25.65 19.38 -1.85
CA ARG A 95 -27.03 19.50 -1.37
C ARG A 95 -27.98 19.21 -2.52
N PHE A 96 -28.97 18.38 -2.27
CA PHE A 96 -29.79 17.83 -3.33
C PHE A 96 -30.96 18.73 -3.73
N GLY A 97 -31.13 19.88 -3.09
CA GLY A 97 -32.09 20.90 -3.51
C GLY A 97 -31.69 22.25 -2.97
N ARG A 98 -32.28 23.31 -3.56
CA ARG A 98 -31.89 24.65 -3.13
C ARG A 98 -32.44 24.96 -1.74
N ASP A 99 -33.53 24.35 -1.36
CA ASP A 99 -34.00 24.41 0.02
C ASP A 99 -32.83 24.07 0.96
N PRO A 100 -32.45 24.97 1.85
CA PRO A 100 -31.34 24.65 2.76
C PRO A 100 -31.63 23.49 3.71
N ASN A 101 -32.89 23.11 3.87
CA ASN A 101 -33.25 21.91 4.63
C ASN A 101 -33.19 20.63 3.81
N ALA A 102 -32.95 20.72 2.51
CA ALA A 102 -32.86 19.52 1.70
C ALA A 102 -31.72 18.63 2.19
N PRO A 103 -31.81 17.33 2.00
CA PRO A 103 -30.70 16.48 2.42
C PRO A 103 -29.45 16.83 1.62
N SER A 104 -28.30 16.45 2.18
CA SER A 104 -27.01 16.66 1.54
C SER A 104 -26.09 15.51 1.91
N MET A 105 -24.95 15.45 1.24
CA MET A 105 -23.88 14.51 1.58
C MET A 105 -22.55 15.24 1.52
N GLN A 106 -21.57 14.68 2.24
CA GLN A 106 -20.25 15.32 2.38
C GLN A 106 -19.25 14.45 1.65
N LEU A 107 -18.74 14.99 0.55
CA LEU A 107 -17.79 14.31 -0.29
C LEU A 107 -16.38 14.68 0.13
N LEU A 108 -15.56 13.67 0.39
CA LEU A 108 -14.11 13.83 0.64
C LEU A 108 -13.37 13.42 -0.62
N LEU A 109 -12.50 14.29 -1.10
CA LEU A 109 -11.74 14.04 -2.29
C LEU A 109 -10.26 14.34 -2.04
N TYR A 110 -9.40 13.39 -2.36
CA TYR A 110 -7.96 13.61 -2.40
C TYR A 110 -7.48 13.44 -3.83
N VAL A 111 -6.72 14.43 -4.33
CA VAL A 111 -6.18 14.41 -5.68
C VAL A 111 -4.66 14.38 -5.62
N PRO A 112 -3.98 13.47 -6.33
CA PRO A 112 -2.52 13.37 -6.23
C PRO A 112 -1.85 14.59 -6.87
N ASN A 113 -1.04 15.28 -6.05
CA ASN A 113 -0.41 16.55 -6.51
C ASN A 113 0.56 16.32 -7.65
N ALA A 114 1.19 15.15 -7.73
CA ALA A 114 2.06 14.87 -8.87
C ALA A 114 1.30 14.94 -10.19
N VAL A 115 0.08 14.40 -10.22
CA VAL A 115 -0.71 14.45 -11.44
C VAL A 115 -1.11 15.89 -11.76
N ILE A 116 -1.63 16.61 -10.77
CA ILE A 116 -1.95 18.03 -10.93
C ILE A 116 -0.75 18.77 -11.52
N ALA A 117 0.45 18.50 -10.99
CA ALA A 117 1.63 19.23 -11.45
C ALA A 117 1.94 18.95 -12.92
N ARG A 118 1.57 17.77 -13.43
CA ARG A 118 1.80 17.53 -14.84
C ARG A 118 0.71 18.16 -15.71
N ALA A 119 -0.13 19.02 -15.14
CA ALA A 119 -1.26 19.62 -15.85
C ALA A 119 -2.15 18.53 -16.44
N GLU A 120 -2.38 17.50 -15.65
CA GLU A 120 -3.24 16.41 -16.04
C GLU A 120 -4.36 16.30 -15.02
N ARG A 121 -5.52 15.82 -15.48
CA ARG A 121 -6.64 15.52 -14.61
C ARG A 121 -6.58 14.04 -14.21
N ALA A 122 -6.72 13.78 -12.92
CA ALA A 122 -6.50 12.42 -12.40
C ALA A 122 -7.74 11.54 -12.63
N PRO A 123 -7.55 10.27 -12.99
CA PRO A 123 -8.67 9.31 -12.86
C PRO A 123 -8.97 9.12 -11.38
N VAL A 124 -10.15 8.56 -11.08
CA VAL A 124 -10.71 8.57 -9.74
C VAL A 124 -11.18 7.18 -9.34
N PHE A 125 -10.90 6.79 -8.10
CA PHE A 125 -11.66 5.74 -7.43
C PHE A 125 -12.69 6.41 -6.52
N LEU A 126 -13.94 5.98 -6.65
CA LEU A 126 -15.06 6.53 -5.90
C LEU A 126 -15.78 5.37 -5.24
N GLY A 127 -15.99 5.48 -3.94
CA GLY A 127 -16.74 4.47 -3.21
C GLY A 127 -17.27 5.02 -1.90
N LEU A 128 -18.39 4.46 -1.46
CA LEU A 128 -18.95 4.78 -0.14
C LEU A 128 -18.13 4.14 0.99
N ASN A 129 -18.19 4.78 2.16
CA ASN A 129 -17.58 4.21 3.35
C ASN A 129 -18.65 3.87 4.39
N PHE A 130 -18.26 3.00 5.32
CA PHE A 130 -19.19 2.38 6.26
C PHE A 130 -19.47 3.27 7.47
N TYR A 131 -18.45 3.99 7.96
CA TYR A 131 -18.52 4.64 9.27
C TYR A 131 -18.16 6.12 9.28
N GLY A 132 -17.96 6.74 8.12
CA GLY A 132 -17.65 8.15 8.07
C GLY A 132 -16.37 8.48 7.33
N ASN A 133 -16.36 9.64 6.66
CA ASN A 133 -15.19 10.06 5.90
C ASN A 133 -13.94 10.10 6.78
N HIS A 134 -14.10 10.49 8.05
CA HIS A 134 -13.00 10.61 9.00
C HIS A 134 -12.38 9.26 9.34
N THR A 135 -13.03 8.15 8.98
CA THR A 135 -12.48 6.84 9.27
C THR A 135 -11.58 6.30 8.17
N VAL A 136 -11.51 6.96 7.00
CA VAL A 136 -10.74 6.38 5.90
C VAL A 136 -9.27 6.70 6.03
N HIS A 137 -8.95 7.71 6.84
CA HIS A 137 -7.58 8.13 7.06
C HIS A 137 -7.49 8.83 8.41
N THR A 138 -6.31 8.78 9.04
CA THR A 138 -6.11 9.44 10.33
C THR A 138 -6.10 10.97 10.21
N ASP A 139 -5.85 11.49 9.02
CA ASP A 139 -5.81 12.92 8.68
C ASP A 139 -6.74 13.75 9.56
N PRO A 140 -6.18 14.46 10.54
CA PRO A 140 -7.05 15.13 11.53
C PRO A 140 -7.81 16.32 10.97
N ALA A 141 -7.52 16.75 9.74
CA ALA A 141 -8.29 17.82 9.13
C ALA A 141 -9.62 17.34 8.53
N ILE A 142 -9.87 16.03 8.43
CA ILE A 142 -11.15 15.58 7.89
C ILE A 142 -12.25 15.94 8.87
N ALA A 143 -13.34 16.55 8.37
CA ALA A 143 -14.49 16.83 9.23
C ALA A 143 -15.02 15.53 9.82
N LEU A 144 -15.12 15.46 11.15
CA LEU A 144 -15.85 14.37 11.76
C LEU A 144 -17.31 14.39 11.32
N SER A 145 -17.85 13.23 11.01
CA SER A 145 -19.23 13.20 10.58
C SER A 145 -20.14 13.57 11.74
N ALA A 146 -21.16 14.39 11.43
CA ALA A 146 -22.17 14.79 12.38
C ALA A 146 -23.36 13.83 12.35
N ARG A 147 -23.31 12.78 11.54
CA ARG A 147 -24.50 11.97 11.35
C ARG A 147 -24.50 10.78 12.29
N TRP A 148 -25.65 10.13 12.39
CA TRP A 148 -25.74 8.88 13.13
C TRP A 148 -24.79 7.85 12.55
N ILE A 149 -24.09 7.13 13.44
N ILE A 149 -24.13 7.09 13.45
CA ILE A 149 -23.19 6.04 13.03
CA ILE A 149 -23.18 6.05 13.05
C ILE A 149 -23.58 4.76 13.75
C ILE A 149 -23.57 4.75 13.76
N PRO A 150 -23.47 3.61 13.10
CA PRO A 150 -23.91 2.35 13.72
C PRO A 150 -22.99 1.94 14.88
N ALA A 151 -23.58 1.17 15.80
CA ALA A 151 -22.87 0.78 17.03
C ALA A 151 -21.59 0.03 16.74
N GLU A 152 -21.57 -0.75 15.66
CA GLU A 152 -20.38 -1.50 15.28
C GLU A 152 -19.21 -0.59 14.92
N ALA A 153 -19.46 0.69 14.69
CA ALA A 153 -18.40 1.62 14.33
C ALA A 153 -17.32 1.62 15.42
N PRO A 154 -16.07 1.29 15.08
CA PRO A 154 -15.01 1.34 16.08
C PRO A 154 -14.90 2.71 16.73
N ASN A 155 -14.67 2.71 18.04
CA ASN A 155 -14.41 3.93 18.82
C ASN A 155 -15.55 4.93 18.70
N GLY A 156 -16.76 4.43 18.45
CA GLY A 156 -17.93 5.27 18.43
C GLY A 156 -18.58 5.31 19.80
N ALA A 157 -19.03 6.50 20.19
CA ALA A 157 -19.69 6.73 21.47
C ALA A 157 -21.11 7.23 21.23
N ASN A 158 -22.10 6.41 21.59
CA ASN A 158 -23.51 6.82 21.52
C ASN A 158 -23.96 7.12 20.09
N HIS A 159 -23.50 6.30 19.14
CA HIS A 159 -23.84 6.43 17.72
C HIS A 159 -23.35 7.74 17.12
N ARG A 160 -22.30 8.33 17.67
CA ARG A 160 -21.75 9.53 17.08
C ARG A 160 -20.24 9.36 16.90
N ALA A 161 -19.70 10.06 15.90
CA ALA A 161 -18.29 10.00 15.63
C ALA A 161 -17.53 10.57 16.82
N THR A 162 -16.29 10.14 16.96
CA THR A 162 -15.41 10.63 18.03
C THR A 162 -14.02 10.76 17.44
N GLU A 163 -13.21 11.64 18.05
CA GLU A 163 -11.85 11.81 17.58
C GLU A 163 -11.10 10.49 17.52
N ALA A 164 -11.39 9.57 18.44
CA ALA A 164 -10.71 8.28 18.43
C ALA A 164 -11.10 7.42 17.23
N ALA A 165 -12.18 7.78 16.53
CA ALA A 165 -12.60 7.04 15.35
C ALA A 165 -11.78 7.39 14.12
N ARG A 166 -10.96 8.44 14.17
CA ARG A 166 -10.21 8.83 12.99
C ARG A 166 -9.33 7.70 12.51
N GLY A 167 -9.46 7.37 11.22
CA GLY A 167 -8.63 6.33 10.62
C GLY A 167 -9.00 4.93 11.02
N SER A 168 -10.12 4.75 11.70
CA SER A 168 -10.52 3.45 12.21
C SER A 168 -10.87 2.45 11.13
N ASP A 169 -11.08 2.88 9.87
CA ASP A 169 -11.35 1.95 8.77
C ASP A 169 -10.27 2.01 7.72
N ALA A 170 -9.06 2.45 8.09
CA ALA A 170 -7.98 2.64 7.13
C ALA A 170 -7.58 1.35 6.43
N GLN A 171 -7.76 0.20 7.08
CA GLN A 171 -7.37 -1.03 6.39
C GLN A 171 -8.05 -1.13 5.03
N LYS A 172 -9.33 -0.80 4.96
CA LYS A 172 -10.06 -0.90 3.71
C LYS A 172 -9.80 0.26 2.77
N TRP A 173 -8.98 1.22 3.18
CA TRP A 173 -8.85 2.51 2.49
C TRP A 173 -7.38 2.89 2.41
N PRO A 174 -6.63 2.23 1.49
CA PRO A 174 -5.21 2.59 1.30
C PRO A 174 -5.03 3.90 0.54
N VAL A 175 -5.47 4.98 1.18
CA VAL A 175 -5.59 6.24 0.46
C VAL A 175 -4.25 6.65 -0.15
N GLU A 176 -3.20 6.74 0.68
CA GLU A 176 -1.94 7.24 0.15
C GLU A 176 -1.37 6.32 -0.92
N GLN A 177 -1.57 5.01 -0.80
CA GLN A 177 -1.14 4.10 -1.86
C GLN A 177 -1.87 4.39 -3.16
N ILE A 178 -3.19 4.59 -3.08
CA ILE A 178 -3.95 4.84 -4.30
C ILE A 178 -3.45 6.15 -4.94
N LEU A 179 -3.21 7.18 -4.12
CA LEU A 179 -2.70 8.44 -4.66
C LEU A 179 -1.35 8.26 -5.31
N ALA A 180 -0.47 7.49 -4.65
CA ALA A 180 0.86 7.28 -5.19
C ALA A 180 0.81 6.53 -6.50
N ARG A 181 -0.26 5.78 -6.75
CA ARG A 181 -0.39 5.09 -8.03
C ARG A 181 -1.04 5.99 -9.09
N GLY A 182 -1.32 7.26 -8.79
CA GLY A 182 -1.84 8.19 -9.78
C GLY A 182 -3.35 8.39 -9.83
N TYR A 183 -4.09 7.91 -8.82
CA TYR A 183 -5.54 8.06 -8.78
C TYR A 183 -5.97 9.00 -7.66
N ALA A 184 -7.02 9.78 -7.95
CA ALA A 184 -7.76 10.48 -6.92
C ALA A 184 -8.64 9.51 -6.15
N VAL A 185 -8.94 9.91 -4.91
CA VAL A 185 -9.71 9.09 -4.01
C VAL A 185 -10.90 9.92 -3.54
N ALA A 186 -12.11 9.46 -3.85
CA ALA A 186 -13.35 10.13 -3.49
C ALA A 186 -14.20 9.19 -2.65
N THR A 187 -14.74 9.70 -1.55
CA THR A 187 -15.61 8.88 -0.73
C THR A 187 -16.69 9.73 -0.08
N VAL A 188 -17.77 9.05 0.33
CA VAL A 188 -18.91 9.60 1.05
C VAL A 188 -19.38 8.55 2.04
N TYR A 189 -19.78 9.01 3.22
CA TYR A 189 -20.40 8.14 4.22
C TYR A 189 -21.78 7.69 3.73
N CYS A 190 -21.97 6.37 3.63
CA CYS A 190 -23.25 5.85 3.14
C CYS A 190 -24.43 6.37 3.98
N GLY A 191 -24.19 6.61 5.26
CA GLY A 191 -25.25 7.09 6.12
C GLY A 191 -25.63 8.56 5.94
N ASP A 192 -24.86 9.33 5.17
CA ASP A 192 -25.35 10.63 4.73
C ASP A 192 -26.62 10.49 3.90
N LEU A 193 -26.76 9.36 3.20
CA LEU A 193 -27.77 9.16 2.17
C LEU A 193 -28.95 8.34 2.69
N CYS A 194 -28.63 7.22 3.30
CA CYS A 194 -29.57 6.44 4.09
C CYS A 194 -28.84 5.87 5.29
N PRO A 195 -29.21 6.24 6.51
CA PRO A 195 -28.60 5.62 7.70
C PRO A 195 -28.81 4.12 7.66
N ASP A 196 -27.73 3.37 7.95
CA ASP A 196 -27.83 1.91 7.82
C ASP A 196 -28.41 1.33 9.11
N ARG A 197 -29.75 1.34 9.18
CA ARG A 197 -30.49 0.78 10.30
C ARG A 197 -31.90 0.51 9.83
N PRO A 198 -32.63 -0.39 10.50
CA PRO A 198 -33.88 -0.90 9.88
C PRO A 198 -34.91 0.17 9.59
N ASP A 199 -34.89 1.28 10.31
CA ASP A 199 -35.77 2.42 10.10
C ASP A 199 -35.07 3.57 9.37
N GLY A 200 -33.88 3.34 8.81
CA GLY A 200 -33.08 4.45 8.32
C GLY A 200 -33.73 5.23 7.19
N LEU A 201 -34.50 4.55 6.33
CA LEU A 201 -35.17 5.23 5.24
C LEU A 201 -36.04 6.39 5.74
N ASN A 202 -36.49 6.35 7.01
CA ASN A 202 -37.32 7.43 7.53
C ASN A 202 -36.60 8.76 7.68
N ALA A 203 -35.27 8.79 7.68
CA ALA A 203 -34.47 10.03 7.70
C ALA A 203 -33.40 9.92 6.62
N SER A 204 -33.81 10.08 5.38
CA SER A 204 -32.91 9.79 4.27
C SER A 204 -33.35 10.60 3.07
N VAL A 205 -32.58 10.44 1.99
CA VAL A 205 -32.99 10.94 0.69
C VAL A 205 -34.38 10.46 0.34
N ALA A 206 -34.72 9.20 0.68
CA ALA A 206 -36.02 8.67 0.30
C ALA A 206 -37.15 9.40 1.02
N SER A 207 -36.97 9.71 2.31
CA SER A 207 -38.00 10.40 3.08
C SER A 207 -38.09 11.88 2.73
N TRP A 208 -37.03 12.46 2.18
CA TRP A 208 -37.14 13.79 1.60
C TRP A 208 -38.18 13.83 0.49
N LEU A 209 -38.28 12.76 -0.31
CA LEU A 209 -39.17 12.73 -1.46
C LEU A 209 -40.50 12.04 -1.20
N ASP A 210 -40.66 11.32 -0.10
CA ASP A 210 -41.80 10.43 0.09
C ASP A 210 -42.15 10.43 1.58
N ALA A 211 -43.31 10.98 1.91
CA ALA A 211 -43.74 11.11 3.31
C ALA A 211 -44.08 9.77 3.95
N ALA A 212 -44.13 8.70 3.19
CA ALA A 212 -44.40 7.40 3.79
C ALA A 212 -43.26 7.04 4.73
N ALA A 213 -43.62 6.37 5.82
CA ALA A 213 -42.66 5.92 6.81
C ALA A 213 -42.66 4.40 6.83
N GLY A 214 -41.48 3.82 6.97
CA GLY A 214 -41.37 2.40 7.26
C GLY A 214 -41.84 1.53 6.11
N ASP A 215 -42.75 0.61 6.42
CA ASP A 215 -43.27 -0.33 5.44
C ASP A 215 -44.52 0.19 4.78
N GLN A 216 -44.83 1.47 4.98
CA GLN A 216 -45.84 2.12 4.17
C GLN A 216 -45.32 2.49 2.78
N ARG A 217 -44.02 2.33 2.53
CA ARG A 217 -43.48 2.64 1.20
C ARG A 217 -44.07 1.68 0.16
N ALA A 218 -44.25 2.19 -1.04
CA ALA A 218 -44.75 1.36 -2.13
C ALA A 218 -43.92 0.10 -2.30
N PRO A 219 -44.54 -1.01 -2.73
CA PRO A 219 -43.77 -2.26 -2.85
C PRO A 219 -42.57 -2.15 -3.78
N ASP A 220 -42.60 -1.28 -4.79
CA ASP A 220 -41.55 -1.16 -5.79
C ASP A 220 -40.70 0.09 -5.59
N ALA A 221 -40.81 0.71 -4.39
CA ALA A 221 -40.06 1.89 -4.02
C ALA A 221 -38.66 1.46 -3.59
N TRP A 222 -37.69 2.34 -3.86
CA TRP A 222 -36.30 2.03 -3.52
C TRP A 222 -36.09 1.92 -2.01
N GLY A 223 -35.08 1.14 -1.65
CA GLY A 223 -34.56 1.06 -0.30
C GLY A 223 -33.14 1.60 -0.17
N ALA A 224 -32.41 1.12 0.83
CA ALA A 224 -31.14 1.74 1.13
C ALA A 224 -30.13 1.55 -0.01
N ILE A 225 -30.14 0.39 -0.65
CA ILE A 225 -29.14 0.12 -1.68
C ILE A 225 -29.35 1.06 -2.86
N GLY A 226 -30.61 1.30 -3.23
CA GLY A 226 -30.88 2.25 -4.29
C GLY A 226 -30.51 3.69 -3.94
N VAL A 227 -30.76 4.08 -2.69
CA VAL A 227 -30.39 5.42 -2.27
C VAL A 227 -28.88 5.59 -2.26
N TRP A 228 -28.17 4.60 -1.69
CA TRP A 228 -26.70 4.64 -1.68
C TRP A 228 -26.17 4.75 -3.10
N ALA A 229 -26.69 3.89 -4.00
CA ALA A 229 -26.28 3.91 -5.41
C ALA A 229 -26.52 5.28 -6.04
N TRP A 230 -27.68 5.87 -5.76
CA TRP A 230 -28.01 7.19 -6.31
C TRP A 230 -27.00 8.23 -5.84
N GLY A 231 -26.57 8.11 -4.58
CA GLY A 231 -25.59 9.02 -4.07
C GLY A 231 -24.28 8.92 -4.83
N LEU A 232 -23.90 7.71 -5.26
CA LEU A 232 -22.68 7.57 -6.02
C LEU A 232 -22.79 8.32 -7.34
N SER A 233 -23.96 8.28 -7.98
CA SER A 233 -24.12 9.04 -9.22
C SER A 233 -24.10 10.55 -8.98
N ARG A 234 -24.64 11.03 -7.86
CA ARG A 234 -24.55 12.44 -7.51
C ARG A 234 -23.10 12.85 -7.24
N ALA A 235 -22.30 11.97 -6.63
CA ALA A 235 -20.88 12.24 -6.48
C ALA A 235 -20.21 12.37 -7.83
N LEU A 236 -20.60 11.53 -8.78
CA LEU A 236 -20.05 11.64 -10.11
C LEU A 236 -20.49 12.95 -10.76
N ASP A 237 -21.71 13.41 -10.49
CA ASP A 237 -22.14 14.71 -10.99
C ASP A 237 -21.18 15.80 -10.51
N TYR A 238 -20.80 15.78 -9.23
CA TYR A 238 -19.85 16.75 -8.73
C TYR A 238 -18.52 16.64 -9.45
N LEU A 239 -18.02 15.40 -9.64
CA LEU A 239 -16.69 15.20 -10.18
C LEU A 239 -16.57 15.75 -11.60
N GLU A 240 -17.66 15.71 -12.35
CA GLU A 240 -17.68 16.27 -13.69
C GLU A 240 -17.43 17.78 -13.69
N THR A 241 -17.59 18.45 -12.56
CA THR A 241 -17.33 19.88 -12.45
C THR A 241 -15.98 20.21 -11.83
N ASP A 242 -15.21 19.22 -11.36
CA ASP A 242 -13.96 19.51 -10.64
C ASP A 242 -12.82 19.52 -11.63
N PRO A 243 -12.14 20.67 -11.83
CA PRO A 243 -11.08 20.71 -12.84
C PRO A 243 -9.88 19.84 -12.52
N LEU A 244 -9.79 19.29 -11.32
CA LEU A 244 -8.61 18.49 -11.01
C LEU A 244 -8.74 17.01 -11.36
N VAL A 245 -9.93 16.54 -11.72
CA VAL A 245 -10.16 15.13 -11.95
C VAL A 245 -10.77 14.93 -13.34
N ASP A 246 -10.65 13.69 -13.82
CA ASP A 246 -11.21 13.27 -15.10
C ASP A 246 -12.42 12.37 -14.82
N ALA A 247 -13.61 12.97 -14.88
CA ALA A 247 -14.85 12.27 -14.57
C ALA A 247 -15.26 11.23 -15.61
N SER A 248 -14.54 11.11 -16.73
CA SER A 248 -14.77 10.01 -17.65
C SER A 248 -13.92 8.78 -17.32
N ARG A 249 -13.10 8.86 -16.28
CA ARG A 249 -12.27 7.76 -15.82
C ARG A 249 -12.49 7.56 -14.33
N VAL A 250 -13.73 7.21 -13.97
CA VAL A 250 -14.09 6.92 -12.57
C VAL A 250 -14.36 5.44 -12.44
N ALA A 251 -13.65 4.82 -11.50
CA ALA A 251 -13.90 3.46 -11.06
C ALA A 251 -14.77 3.54 -9.81
N VAL A 252 -15.96 2.97 -9.88
CA VAL A 252 -16.85 2.94 -8.72
C VAL A 252 -16.70 1.56 -8.07
N HIS A 253 -16.43 1.55 -6.77
CA HIS A 253 -16.07 0.37 -6.02
C HIS A 253 -16.85 0.35 -4.72
N GLY A 254 -17.05 -0.85 -4.19
CA GLY A 254 -17.62 -0.99 -2.86
C GLY A 254 -17.31 -2.35 -2.30
N HIS A 255 -17.34 -2.41 -0.97
CA HIS A 255 -17.12 -3.63 -0.21
C HIS A 255 -18.45 -4.08 0.36
N ALA A 256 -18.80 -5.35 0.15
CA ALA A 256 -19.93 -6.00 0.81
C ALA A 256 -21.21 -5.22 0.51
N ARG A 257 -21.98 -4.79 1.50
CA ARG A 257 -23.23 -4.10 1.21
C ARG A 257 -22.99 -2.86 0.35
N LEU A 258 -21.83 -2.18 0.53
CA LEU A 258 -21.55 -1.00 -0.27
C LEU A 258 -21.08 -1.38 -1.67
N GLY A 259 -20.70 -2.65 -1.83
CA GLY A 259 -20.42 -3.20 -3.15
C GLY A 259 -21.68 -3.55 -3.90
N LYS A 260 -22.73 -3.98 -3.19
CA LYS A 260 -24.06 -4.06 -3.80
C LYS A 260 -24.45 -2.70 -4.39
N ALA A 261 -24.25 -1.64 -3.61
CA ALA A 261 -24.56 -0.29 -4.08
C ALA A 261 -23.73 0.05 -5.32
N ALA A 262 -22.42 -0.23 -5.29
CA ALA A 262 -21.57 0.09 -6.41
C ALA A 262 -22.02 -0.62 -7.69
N LEU A 263 -22.44 -1.89 -7.55
CA LEU A 263 -22.93 -2.63 -8.71
C LEU A 263 -24.19 -1.99 -9.29
N TRP A 264 -25.16 -1.68 -8.43
CA TRP A 264 -26.41 -1.09 -8.91
C TRP A 264 -26.17 0.32 -9.46
N ALA A 265 -25.23 1.08 -8.90
CA ALA A 265 -24.91 2.41 -9.44
C ALA A 265 -24.30 2.27 -10.83
N GLY A 266 -23.40 1.30 -10.98
CA GLY A 266 -22.72 1.10 -12.25
C GLY A 266 -23.63 0.52 -13.30
N ALA A 267 -24.65 -0.26 -12.88
CA ALA A 267 -25.61 -0.79 -13.83
C ALA A 267 -26.57 0.29 -14.31
N GLN A 268 -27.01 1.16 -13.41
CA GLN A 268 -27.94 2.23 -13.78
C GLN A 268 -27.29 3.37 -14.55
N ASP A 269 -26.01 3.60 -14.36
CA ASP A 269 -25.36 4.84 -14.81
C ASP A 269 -24.15 4.42 -15.63
N ASP A 270 -24.28 4.48 -16.95
CA ASP A 270 -23.18 3.99 -17.77
C ASP A 270 -22.09 5.04 -17.98
N ARG A 271 -22.17 6.19 -17.29
CA ARG A 271 -21.02 7.10 -17.21
C ARG A 271 -19.85 6.50 -16.45
N PHE A 272 -20.12 5.68 -15.42
CA PHE A 272 -19.03 5.06 -14.68
C PHE A 272 -18.15 4.21 -15.59
N ALA A 273 -16.84 4.40 -15.51
CA ALA A 273 -15.95 3.78 -16.47
C ALA A 273 -15.65 2.32 -16.17
N LEU A 274 -15.66 1.96 -14.90
CA LEU A 274 -15.23 0.65 -14.43
C LEU A 274 -15.96 0.42 -13.11
N VAL A 275 -16.34 -0.83 -12.85
CA VAL A 275 -17.07 -1.18 -11.63
C VAL A 275 -16.32 -2.29 -10.90
N ILE A 276 -16.20 -2.14 -9.57
CA ILE A 276 -15.53 -3.10 -8.71
C ILE A 276 -16.49 -3.53 -7.60
N SER A 277 -16.72 -4.83 -7.47
CA SER A 277 -17.52 -5.42 -6.41
C SER A 277 -16.59 -6.27 -5.54
N ASN A 278 -16.31 -5.79 -4.33
CA ASN A 278 -15.46 -6.55 -3.41
C ASN A 278 -16.39 -7.28 -2.45
N GLU A 279 -16.51 -8.58 -2.66
CA GLU A 279 -17.26 -9.47 -1.74
C GLU A 279 -18.67 -8.95 -1.44
N SER A 280 -19.41 -8.59 -2.50
CA SER A 280 -20.75 -8.01 -2.30
C SER A 280 -21.82 -9.04 -2.00
N GLY A 281 -21.63 -10.31 -2.34
CA GLY A 281 -22.48 -11.35 -1.75
C GLY A 281 -23.92 -11.33 -2.23
N CYS A 282 -24.82 -11.63 -1.30
CA CYS A 282 -26.25 -11.80 -1.61
C CYS A 282 -26.91 -10.49 -2.07
N GLY A 283 -27.61 -10.55 -3.18
CA GLY A 283 -28.14 -9.31 -3.74
C GLY A 283 -27.09 -8.42 -4.32
N GLY A 284 -25.85 -8.88 -4.39
CA GLY A 284 -24.79 -8.20 -5.11
C GLY A 284 -24.35 -9.06 -6.29
N ALA A 285 -23.16 -9.62 -6.17
CA ALA A 285 -22.68 -10.48 -7.26
C ALA A 285 -23.06 -11.94 -7.11
N ALA A 286 -23.43 -12.41 -5.91
CA ALA A 286 -23.67 -13.85 -5.72
C ALA A 286 -25.00 -14.26 -6.32
N LEU A 287 -25.04 -15.44 -6.96
CA LEU A 287 -26.31 -16.01 -7.42
C LEU A 287 -27.24 -16.25 -6.25
N SER A 288 -28.48 -15.78 -6.36
CA SER A 288 -29.48 -15.98 -5.31
C SER A 288 -30.06 -17.37 -5.36
N LYS A 289 -30.20 -17.93 -6.56
CA LYS A 289 -30.84 -19.24 -6.68
C LYS A 289 -29.94 -20.38 -6.25
N ARG A 290 -28.73 -20.07 -5.77
CA ARG A 290 -27.85 -21.11 -5.23
C ARG A 290 -28.18 -21.50 -3.79
N ILE A 291 -28.84 -20.61 -3.03
CA ILE A 291 -29.22 -20.89 -1.64
C ILE A 291 -27.99 -21.38 -0.89
N HIS A 292 -26.92 -20.59 -0.93
CA HIS A 292 -25.69 -20.88 -0.21
C HIS A 292 -25.32 -19.66 0.61
N GLY A 293 -25.00 -19.87 1.87
CA GLY A 293 -24.71 -18.74 2.75
C GLY A 293 -25.96 -17.92 3.04
N GLU A 294 -25.84 -16.60 2.87
CA GLU A 294 -26.96 -15.71 3.10
C GLU A 294 -28.00 -15.90 2.00
N THR A 295 -29.27 -16.03 2.40
CA THR A 295 -30.40 -16.22 1.51
C THR A 295 -31.21 -14.93 1.40
N VAL A 296 -32.22 -14.95 0.52
CA VAL A 296 -33.10 -13.79 0.36
C VAL A 296 -33.92 -13.54 1.63
N ALA A 297 -34.45 -14.60 2.26
CA ALA A 297 -35.25 -14.40 3.47
C ALA A 297 -34.40 -13.85 4.61
N ARG A 298 -33.19 -14.33 4.73
CA ARG A 298 -32.36 -13.85 5.76
C ARG A 298 -32.01 -12.38 5.58
N ILE A 299 -31.67 -12.01 4.37
CA ILE A 299 -31.18 -10.65 4.15
C ILE A 299 -32.31 -9.65 4.37
N ASN A 300 -33.52 -9.97 3.88
CA ASN A 300 -34.65 -9.05 4.05
C ASN A 300 -35.12 -8.95 5.50
N THR A 301 -34.95 -10.01 6.29
CA THR A 301 -35.42 -9.95 7.67
C THR A 301 -34.44 -9.18 8.54
N VAL A 302 -33.14 -9.38 8.29
CA VAL A 302 -32.13 -8.67 9.06
C VAL A 302 -32.00 -7.23 8.57
N PHE A 303 -32.19 -7.00 7.28
CA PHE A 303 -31.99 -5.70 6.64
C PHE A 303 -33.23 -5.36 5.82
N PRO A 304 -34.37 -5.20 6.49
CA PRO A 304 -35.64 -4.92 5.77
C PRO A 304 -35.63 -3.60 5.00
N HIS A 305 -34.64 -2.73 5.24
CA HIS A 305 -34.54 -1.47 4.53
C HIS A 305 -33.67 -1.50 3.28
N TRP A 306 -32.95 -2.61 3.02
CA TRP A 306 -31.95 -2.58 1.94
C TRP A 306 -32.57 -2.65 0.55
N PHE A 307 -33.60 -3.48 0.40
CA PHE A 307 -34.18 -3.81 -0.89
C PHE A 307 -35.60 -3.25 -0.97
N ALA A 308 -36.19 -3.38 -2.15
CA ALA A 308 -37.62 -3.10 -2.29
C ALA A 308 -38.43 -4.10 -1.48
N ARG A 309 -39.59 -3.67 -0.98
CA ARG A 309 -40.47 -4.66 -0.34
C ARG A 309 -40.83 -5.81 -1.29
N ASN A 310 -40.89 -5.55 -2.61
CA ASN A 310 -41.22 -6.62 -3.56
C ASN A 310 -40.21 -7.77 -3.47
N PHE A 311 -38.97 -7.48 -3.06
CA PHE A 311 -37.96 -8.54 -2.98
C PHE A 311 -38.33 -9.59 -1.94
N ARG A 312 -39.13 -9.21 -0.94
CA ARG A 312 -39.60 -10.15 0.08
C ARG A 312 -40.52 -11.25 -0.50
N ARG A 313 -41.11 -11.04 -1.66
CA ARG A 313 -41.85 -12.12 -2.32
C ARG A 313 -40.97 -13.35 -2.54
N TYR A 314 -39.65 -13.19 -2.54
CA TYR A 314 -38.75 -14.28 -2.89
C TYR A 314 -38.08 -14.86 -1.66
N ASP A 315 -38.46 -14.41 -0.47
CA ASP A 315 -38.08 -15.08 0.77
C ASP A 315 -38.44 -16.56 0.72
N ASP A 316 -37.43 -17.42 0.81
CA ASP A 316 -37.62 -18.88 0.69
C ASP A 316 -38.40 -19.23 -0.58
N HIS A 317 -38.25 -18.43 -1.62
CA HIS A 317 -38.92 -18.68 -2.90
C HIS A 317 -38.05 -18.10 -4.03
N GLU A 318 -36.73 -18.34 -3.95
CA GLU A 318 -35.81 -17.80 -4.93
C GLU A 318 -36.10 -18.36 -6.32
N GLU A 319 -36.74 -19.54 -6.40
CA GLU A 319 -37.03 -20.11 -7.72
C GLU A 319 -37.94 -19.21 -8.57
N ALA A 320 -38.79 -18.41 -7.92
CA ALA A 320 -39.68 -17.51 -8.69
C ALA A 320 -38.96 -16.26 -9.18
N LEU A 321 -37.71 -16.04 -8.80
CA LEU A 321 -37.01 -14.81 -9.20
C LEU A 321 -36.99 -14.73 -10.72
N PRO A 322 -37.40 -13.60 -11.32
CA PRO A 322 -37.34 -13.48 -12.78
C PRO A 322 -35.97 -13.06 -13.29
N VAL A 323 -35.04 -12.73 -12.40
CA VAL A 323 -33.66 -12.42 -12.72
C VAL A 323 -32.76 -13.15 -11.71
N ASP A 324 -31.47 -13.22 -12.00
CA ASP A 324 -30.52 -13.48 -10.93
C ASP A 324 -29.32 -12.55 -11.16
N GLN A 325 -28.35 -12.60 -10.25
CA GLN A 325 -27.39 -11.50 -10.18
C GLN A 325 -26.37 -11.52 -11.32
N HIS A 326 -26.23 -12.64 -12.07
CA HIS A 326 -25.41 -12.59 -13.29
C HIS A 326 -25.96 -11.56 -14.28
N GLU A 327 -27.25 -11.28 -14.21
CA GLU A 327 -27.85 -10.29 -15.09
C GLU A 327 -27.56 -8.86 -14.64
N LEU A 328 -27.44 -8.63 -13.32
CA LEU A 328 -26.93 -7.34 -12.87
C LEU A 328 -25.48 -7.12 -13.32
N LEU A 329 -24.63 -8.14 -13.16
CA LEU A 329 -23.25 -8.05 -13.68
C LEU A 329 -23.28 -7.71 -15.17
N ALA A 330 -24.19 -8.34 -15.90
CA ALA A 330 -24.21 -8.16 -17.34
C ALA A 330 -24.61 -6.76 -17.73
N LEU A 331 -25.34 -6.05 -16.85
CA LEU A 331 -25.69 -4.66 -17.13
C LEU A 331 -24.48 -3.72 -17.12
N VAL A 332 -23.31 -4.20 -16.69
CA VAL A 332 -22.11 -3.34 -16.75
C VAL A 332 -21.49 -3.45 -18.15
N ALA A 333 -21.73 -4.54 -18.84
CA ALA A 333 -21.09 -4.78 -20.11
C ALA A 333 -21.41 -3.66 -21.10
N PRO A 334 -20.46 -3.29 -21.96
CA PRO A 334 -19.13 -3.88 -22.09
C PRO A 334 -18.06 -3.18 -21.26
N ARG A 335 -18.45 -2.34 -20.31
CA ARG A 335 -17.46 -1.71 -19.44
C ARG A 335 -16.79 -2.71 -18.51
N PRO A 336 -15.56 -2.42 -18.07
CA PRO A 336 -14.83 -3.41 -17.24
C PRO A 336 -15.47 -3.54 -15.87
N LEU A 337 -15.56 -4.79 -15.43
CA LEU A 337 -16.21 -5.20 -14.21
C LEU A 337 -15.27 -6.19 -13.51
N TYR A 338 -14.95 -5.89 -12.26
CA TYR A 338 -14.14 -6.74 -11.41
C TYR A 338 -15.02 -7.20 -10.25
N VAL A 339 -15.21 -8.52 -10.12
CA VAL A 339 -15.91 -9.14 -9.01
C VAL A 339 -14.88 -9.94 -8.22
N ALA A 340 -14.90 -9.82 -6.88
CA ALA A 340 -13.92 -10.61 -6.14
C ALA A 340 -14.52 -11.15 -4.87
N SER A 341 -13.88 -12.24 -4.42
CA SER A 341 -14.34 -13.02 -3.29
C SER A 341 -13.20 -13.27 -2.32
N ALA A 342 -13.60 -13.69 -1.12
CA ALA A 342 -12.70 -14.20 -0.09
C ALA A 342 -13.06 -15.67 0.20
N GLU A 343 -12.03 -16.52 0.23
CA GLU A 343 -12.25 -17.95 0.31
C GLU A 343 -13.02 -18.36 1.55
N ASP A 344 -12.76 -17.72 2.68
CA ASP A 344 -13.46 -18.04 3.91
C ASP A 344 -14.57 -17.06 4.22
N ASP A 345 -15.16 -16.46 3.20
N ASP A 345 -15.10 -16.38 3.21
CA ASP A 345 -16.36 -15.64 3.37
CA ASP A 345 -16.22 -15.49 3.45
C ASP A 345 -17.59 -16.42 2.89
C ASP A 345 -17.37 -16.30 4.05
N ASP A 346 -17.92 -17.52 3.61
N ASP A 346 -17.76 -15.95 5.27
CA ASP A 346 -18.97 -18.41 3.10
CA ASP A 346 -18.76 -16.59 6.13
C ASP A 346 -20.32 -17.71 3.03
C ASP A 346 -20.19 -16.45 5.62
N TRP A 347 -20.59 -16.74 3.92
N TRP A 347 -20.51 -16.01 4.41
CA TRP A 347 -21.85 -16.01 3.93
CA TRP A 347 -21.85 -15.51 4.12
C TRP A 347 -22.07 -15.26 2.61
C TRP A 347 -22.07 -15.23 2.63
N ALA A 348 -21.00 -14.87 1.93
CA ALA A 348 -21.13 -14.24 0.62
C ALA A 348 -21.27 -15.24 -0.50
N ASP A 349 -20.98 -16.53 -0.26
CA ASP A 349 -20.97 -17.58 -1.28
C ASP A 349 -19.96 -17.26 -2.40
N PRO A 350 -18.68 -17.45 -2.12
CA PRO A 350 -17.65 -17.09 -3.12
C PRO A 350 -17.82 -17.79 -4.45
N ARG A 351 -18.12 -19.09 -4.44
CA ARG A 351 -18.31 -19.79 -5.70
C ARG A 351 -19.57 -19.30 -6.42
N GLY A 352 -20.59 -18.90 -5.67
CA GLY A 352 -21.77 -18.29 -6.29
C GLY A 352 -21.46 -16.96 -6.96
N GLU A 353 -20.52 -16.20 -6.41
CA GLU A 353 -20.04 -14.98 -7.06
C GLU A 353 -19.28 -15.32 -8.34
N PHE A 354 -18.41 -16.34 -8.29
CA PHE A 354 -17.71 -16.74 -9.50
C PHE A 354 -18.69 -17.22 -10.59
N LEU A 355 -19.70 -18.01 -10.21
CA LEU A 355 -20.62 -18.54 -11.20
C LEU A 355 -21.50 -17.44 -11.81
N ALA A 356 -21.85 -16.42 -11.02
CA ALA A 356 -22.50 -15.23 -11.58
C ALA A 356 -21.64 -14.58 -12.67
N VAL A 357 -20.34 -14.45 -12.42
CA VAL A 357 -19.45 -13.93 -13.44
C VAL A 357 -19.49 -14.79 -14.70
N LYS A 358 -19.40 -16.13 -14.52
CA LYS A 358 -19.43 -17.03 -15.68
C LYS A 358 -20.78 -16.94 -16.41
N ALA A 359 -21.87 -16.82 -15.68
CA ALA A 359 -23.18 -16.70 -16.34
C ALA A 359 -23.38 -15.33 -17.00
N ALA A 360 -22.65 -14.31 -16.56
CA ALA A 360 -22.70 -13.01 -17.24
C ALA A 360 -21.80 -12.95 -18.46
N GLU A 361 -20.76 -13.80 -18.46
CA GLU A 361 -19.69 -13.75 -19.46
C GLU A 361 -20.17 -13.79 -20.90
N PRO A 362 -21.23 -14.50 -21.26
CA PRO A 362 -21.70 -14.49 -22.65
C PRO A 362 -22.07 -13.10 -23.10
N VAL A 363 -22.59 -12.25 -22.21
CA VAL A 363 -22.94 -10.91 -22.66
C VAL A 363 -21.67 -10.09 -22.93
N PHE A 364 -20.66 -10.20 -22.05
CA PHE A 364 -19.38 -9.55 -22.31
C PHE A 364 -18.77 -10.05 -23.62
N ARG A 365 -18.89 -11.36 -23.91
CA ARG A 365 -18.27 -11.88 -25.15
C ARG A 365 -19.04 -11.42 -26.39
N LEU A 366 -20.32 -11.16 -26.22
CA LEU A 366 -21.10 -10.56 -27.30
C LEU A 366 -20.45 -9.25 -27.74
N PHE A 367 -19.82 -8.54 -26.80
CA PHE A 367 -19.11 -7.31 -27.09
C PHE A 367 -17.60 -7.49 -27.27
N GLY A 368 -17.12 -8.72 -27.40
CA GLY A 368 -15.73 -8.94 -27.68
C GLY A 368 -14.83 -8.94 -26.47
N GLN A 369 -15.39 -8.80 -25.27
CA GLN A 369 -14.66 -8.88 -24.04
C GLN A 369 -14.63 -10.33 -23.55
N THR A 370 -13.67 -10.64 -22.68
CA THR A 370 -13.52 -11.99 -22.15
C THR A 370 -13.57 -12.00 -20.64
N GLY A 371 -14.04 -13.14 -20.11
CA GLY A 371 -14.06 -13.40 -18.68
C GLY A 371 -13.06 -14.46 -18.26
N PRO A 372 -13.20 -14.94 -17.02
CA PRO A 372 -12.24 -15.93 -16.52
C PRO A 372 -12.10 -17.12 -17.47
N SER A 373 -10.88 -17.64 -17.61
CA SER A 373 -10.68 -18.83 -18.43
C SER A 373 -11.20 -20.07 -17.70
N GLY A 374 -11.75 -21.00 -18.44
CA GLY A 374 -12.19 -22.19 -17.73
C GLY A 374 -13.35 -22.00 -16.76
N GLU A 375 -13.83 -23.12 -16.25
CA GLU A 375 -15.19 -23.22 -15.75
C GLU A 375 -15.27 -23.33 -14.24
N ASP A 376 -14.13 -23.42 -13.55
N ASP A 376 -14.17 -23.46 -13.52
CA ASP A 376 -14.04 -23.60 -12.11
CA ASP A 376 -14.28 -23.48 -12.08
C ASP A 376 -13.38 -22.38 -11.48
C ASP A 376 -13.41 -22.39 -11.47
N VAL A 377 -13.60 -22.19 -10.18
CA VAL A 377 -13.01 -21.07 -9.47
C VAL A 377 -11.50 -21.12 -9.62
N PRO A 378 -10.85 -20.01 -9.99
CA PRO A 378 -9.37 -20.01 -10.09
C PRO A 378 -8.72 -20.23 -8.74
N ARG A 379 -7.44 -20.61 -8.79
CA ARG A 379 -6.63 -20.68 -7.58
C ARG A 379 -6.68 -19.35 -6.83
N VAL A 380 -6.60 -19.40 -5.51
CA VAL A 380 -6.58 -18.15 -4.76
C VAL A 380 -5.41 -17.31 -5.23
N ASN A 381 -5.62 -15.99 -5.25
CA ASN A 381 -4.62 -14.99 -5.60
C ASN A 381 -4.18 -15.07 -7.06
N GLU A 382 -5.01 -15.64 -7.94
CA GLU A 382 -4.71 -15.67 -9.38
C GLU A 382 -5.91 -15.10 -10.13
N PRO A 383 -5.92 -13.78 -10.39
CA PRO A 383 -7.07 -13.22 -11.12
C PRO A 383 -7.20 -13.86 -12.48
N SER A 384 -8.42 -13.88 -12.99
CA SER A 384 -8.66 -14.45 -14.30
C SER A 384 -9.71 -13.61 -15.02
N GLY A 385 -9.44 -13.34 -16.28
CA GLY A 385 -10.37 -12.66 -17.15
C GLY A 385 -9.78 -11.38 -17.70
N GLY A 386 -10.49 -10.84 -18.68
CA GLY A 386 -10.08 -9.61 -19.33
C GLY A 386 -10.82 -8.43 -18.74
N ALA A 387 -11.72 -7.82 -19.51
CA ALA A 387 -12.51 -6.72 -18.97
C ALA A 387 -13.48 -7.22 -17.92
N LEU A 388 -13.84 -8.50 -17.97
CA LEU A 388 -14.68 -9.14 -16.95
C LEU A 388 -13.72 -9.97 -16.12
N ARG A 389 -13.40 -9.49 -14.93
CA ARG A 389 -12.32 -10.11 -14.18
C ARG A 389 -12.79 -10.62 -12.82
N TYR A 390 -12.21 -11.72 -12.38
CA TYR A 390 -12.50 -12.33 -11.09
C TYR A 390 -11.21 -12.71 -10.36
N HIS A 391 -11.20 -12.56 -9.03
CA HIS A 391 -10.21 -13.24 -8.20
C HIS A 391 -10.89 -13.65 -6.90
N ILE A 392 -10.36 -14.70 -6.31
CA ILE A 392 -10.69 -15.09 -4.96
C ILE A 392 -9.35 -15.05 -4.20
N ARG A 393 -9.34 -14.46 -3.01
CA ARG A 393 -8.14 -14.42 -2.18
C ARG A 393 -8.35 -15.33 -0.99
N PRO A 394 -7.28 -15.76 -0.31
CA PRO A 394 -7.45 -16.48 0.95
C PRO A 394 -8.00 -15.53 2.00
N GLY A 395 -8.59 -16.14 3.01
CA GLY A 395 -8.86 -15.42 4.23
C GLY A 395 -10.31 -15.03 4.40
N PRO A 396 -10.57 -14.35 5.51
CA PRO A 396 -11.95 -14.00 5.88
C PRO A 396 -12.45 -12.79 5.13
N HIS A 397 -13.74 -12.50 5.33
CA HIS A 397 -14.40 -11.34 4.73
C HIS A 397 -13.66 -10.07 5.09
N GLY A 398 -13.50 -9.20 4.10
CA GLY A 398 -12.69 -8.01 4.28
C GLY A 398 -12.32 -7.41 2.95
N MET A 399 -11.47 -6.39 3.00
CA MET A 399 -10.88 -5.82 1.79
C MET A 399 -9.42 -5.53 2.09
N THR A 400 -8.53 -6.28 1.45
CA THR A 400 -7.14 -6.31 1.83
C THR A 400 -6.26 -5.60 0.79
N ALA A 401 -5.01 -5.42 1.21
CA ALA A 401 -3.99 -4.93 0.30
C ALA A 401 -3.91 -5.75 -0.98
N GLN A 402 -4.07 -7.06 -0.89
CA GLN A 402 -4.01 -7.85 -2.11
C GLN A 402 -5.21 -7.54 -3.02
N ASP A 403 -6.40 -7.46 -2.45
CA ASP A 403 -7.55 -6.97 -3.22
C ASP A 403 -7.22 -5.65 -3.92
N TRP A 404 -6.69 -4.67 -3.15
CA TRP A 404 -6.41 -3.35 -3.73
C TRP A 404 -5.33 -3.40 -4.77
N ALA A 405 -4.32 -4.25 -4.58
CA ALA A 405 -3.29 -4.33 -5.62
C ALA A 405 -3.88 -4.81 -6.93
N PHE A 406 -4.75 -5.80 -6.86
CA PHE A 406 -5.40 -6.33 -8.06
C PHE A 406 -6.29 -5.26 -8.69
N TYR A 407 -7.02 -4.48 -7.87
CA TYR A 407 -7.89 -3.44 -8.43
C TYR A 407 -7.08 -2.33 -9.09
N LEU A 408 -5.97 -1.91 -8.48
CA LEU A 408 -5.15 -0.87 -9.07
C LEU A 408 -4.50 -1.33 -10.38
N ALA A 409 -4.05 -2.59 -10.43
CA ALA A 409 -3.53 -3.12 -11.69
C ALA A 409 -4.62 -3.16 -12.77
N PHE A 410 -5.85 -3.52 -12.39
CA PHE A 410 -6.99 -3.49 -13.32
C PHE A 410 -7.24 -2.07 -13.82
N ALA A 411 -7.28 -1.11 -12.90
CA ALA A 411 -7.51 0.27 -13.32
C ALA A 411 -6.39 0.77 -14.21
N ASP A 412 -5.14 0.37 -13.93
CA ASP A 412 -4.02 0.82 -14.79
C ASP A 412 -4.26 0.37 -16.23
N GLU A 413 -4.78 -0.85 -16.40
CA GLU A 413 -5.01 -1.36 -17.75
C GLU A 413 -6.23 -0.72 -18.41
N TRP A 414 -7.29 -0.53 -17.67
CA TRP A 414 -8.51 0.02 -18.24
C TRP A 414 -8.76 1.53 -18.13
N LEU A 415 -8.04 2.28 -17.33
CA LEU A 415 -8.27 3.70 -17.28
C LEU A 415 -7.13 4.45 -17.94
N LYS A 416 -6.95 4.14 -19.23
CA LYS A 416 -5.97 4.71 -20.12
C LYS A 416 -4.52 4.48 -19.70
N THR B 24 31.35 15.74 -5.25
CA THR B 24 32.13 16.66 -4.44
C THR B 24 33.59 16.56 -4.84
N LEU B 25 34.43 17.37 -4.17
CA LEU B 25 35.78 17.66 -4.64
C LEU B 25 36.57 16.40 -4.94
N PRO B 26 36.74 15.46 -3.98
CA PRO B 26 37.48 14.22 -4.31
C PRO B 26 36.86 13.48 -5.49
N ASP B 27 37.57 13.41 -6.60
CA ASP B 27 36.99 12.81 -7.80
C ASP B 27 36.99 11.29 -7.66
N PRO B 28 35.84 10.63 -7.85
CA PRO B 28 35.81 9.17 -7.71
C PRO B 28 36.68 8.46 -8.73
N LEU B 29 36.81 9.02 -9.93
CA LEU B 29 37.61 8.42 -10.99
C LEU B 29 39.03 9.00 -11.06
N VAL B 30 39.60 9.37 -9.91
CA VAL B 30 41.00 9.78 -9.83
C VAL B 30 41.61 9.06 -8.64
N GLY B 31 42.46 8.09 -8.93
CA GLY B 31 43.05 7.27 -7.91
C GLY B 31 43.95 7.96 -6.92
N ALA B 32 44.30 7.22 -5.89
CA ALA B 32 45.19 7.68 -4.83
C ALA B 32 46.49 8.29 -5.34
N ASP B 33 47.11 7.66 -6.34
CA ASP B 33 48.34 8.18 -6.97
C ASP B 33 48.15 9.22 -8.05
N GLY B 34 47.02 9.94 -8.15
CA GLY B 34 46.88 10.92 -9.19
C GLY B 34 46.27 10.45 -10.49
N THR B 35 46.38 9.18 -10.86
CA THR B 35 45.88 8.69 -12.13
C THR B 35 44.39 8.79 -12.32
N ARG B 36 43.96 8.98 -13.56
CA ARG B 36 42.58 9.05 -13.85
C ARG B 36 42.15 7.63 -14.08
N VAL B 37 41.01 7.28 -13.55
CA VAL B 37 40.44 5.96 -13.77
C VAL B 37 39.58 6.05 -15.03
N HIS B 38 39.82 5.17 -15.99
CA HIS B 38 39.13 5.24 -17.25
C HIS B 38 38.37 4.01 -17.66
N ASP B 39 38.57 2.90 -16.99
CA ASP B 39 37.94 1.66 -17.42
C ASP B 39 37.32 0.89 -16.26
N ARG B 40 36.31 0.08 -16.60
CA ARG B 40 35.60 -0.70 -15.61
C ARG B 40 36.54 -1.57 -14.80
N ALA B 41 37.55 -2.16 -15.45
CA ALA B 41 38.40 -3.13 -14.76
C ALA B 41 39.25 -2.45 -13.70
N THR B 42 39.87 -1.33 -14.04
CA THR B 42 40.62 -0.56 -13.06
C THR B 42 39.73 -0.13 -11.89
N TRP B 43 38.54 0.39 -12.18
CA TRP B 43 37.60 0.70 -11.12
C TRP B 43 37.43 -0.49 -10.19
N GLN B 44 37.06 -1.62 -10.75
CA GLN B 44 36.64 -2.75 -9.92
C GLN B 44 37.79 -3.37 -9.17
N HIS B 45 38.98 -3.43 -9.77
CA HIS B 45 40.08 -4.14 -9.13
C HIS B 45 41.06 -3.24 -8.40
N ARG B 46 41.09 -1.94 -8.69
CA ARG B 46 41.96 -1.02 -7.96
C ARG B 46 41.19 0.03 -7.17
N ARG B 47 40.31 0.81 -7.81
CA ARG B 47 39.71 1.92 -7.09
C ARG B 47 38.67 1.45 -6.07
N ARG B 48 37.89 0.43 -6.39
CA ARG B 48 36.91 -0.05 -5.43
C ARG B 48 37.58 -0.52 -4.15
N PRO B 49 38.59 -1.39 -4.19
CA PRO B 49 39.27 -1.75 -2.93
C PRO B 49 39.85 -0.55 -2.21
N GLU B 50 40.38 0.44 -2.96
CA GLU B 50 40.99 1.61 -2.33
C GLU B 50 39.96 2.40 -1.54
N LEU B 51 38.78 2.61 -2.15
CA LEU B 51 37.75 3.42 -1.49
C LEU B 51 37.15 2.67 -0.32
N LEU B 52 36.97 1.36 -0.46
CA LEU B 52 36.47 0.56 0.64
C LEU B 52 37.37 0.66 1.86
N GLN B 53 38.69 0.59 1.64
CA GLN B 53 39.62 0.66 2.76
C GLN B 53 39.62 2.04 3.39
N LEU B 54 39.43 3.11 2.58
CA LEU B 54 39.34 4.46 3.11
C LEU B 54 38.07 4.69 3.91
N PHE B 55 36.91 4.27 3.37
CA PHE B 55 35.69 4.36 4.17
C PHE B 55 35.80 3.51 5.42
N ALA B 56 36.40 2.33 5.30
CA ALA B 56 36.57 1.49 6.48
C ALA B 56 37.47 2.18 7.51
N ARG B 57 38.62 2.69 7.06
CA ARG B 57 39.58 3.21 8.03
C ARG B 57 39.10 4.52 8.64
N GLU B 58 38.58 5.42 7.80
CA GLU B 58 38.34 6.79 8.21
C GLU B 58 36.89 7.09 8.58
N VAL B 59 35.93 6.27 8.19
CA VAL B 59 34.51 6.63 8.37
C VAL B 59 33.75 5.61 9.21
N TYR B 60 33.52 4.40 8.68
CA TYR B 60 32.69 3.43 9.39
C TYR B 60 33.49 2.51 10.29
N GLY B 61 34.81 2.44 10.12
CA GLY B 61 35.59 1.46 10.81
C GLY B 61 35.60 0.15 10.03
N ARG B 62 36.60 -0.67 10.32
CA ARG B 62 36.80 -1.89 9.55
C ARG B 62 35.86 -3.00 9.99
N THR B 63 35.32 -3.70 9.02
CA THR B 63 34.55 -4.91 9.26
C THR B 63 35.53 -6.05 9.52
N PRO B 64 35.60 -6.58 10.74
CA PRO B 64 36.76 -7.44 11.08
C PRO B 64 36.65 -8.87 10.59
N LEU B 65 35.48 -9.28 10.09
CA LEU B 65 35.32 -10.59 9.48
C LEU B 65 34.02 -10.57 8.68
N GLY B 66 33.89 -11.55 7.78
CA GLY B 66 32.66 -11.72 7.04
C GLY B 66 31.75 -12.73 7.70
N ARG B 67 31.53 -13.83 7.04
CA ARG B 67 30.66 -14.85 7.58
C ARG B 67 31.38 -15.67 8.64
N PRO B 68 30.89 -15.73 9.88
CA PRO B 68 31.58 -16.54 10.90
C PRO B 68 31.43 -18.02 10.60
N GLU B 69 32.46 -18.80 10.93
CA GLU B 69 32.48 -20.19 10.50
C GLU B 69 31.47 -21.02 11.29
N GLY B 70 31.18 -20.65 12.52
CA GLY B 70 30.18 -21.36 13.30
C GLY B 70 28.74 -20.86 13.28
N MET B 71 28.34 -20.11 12.26
CA MET B 71 26.98 -19.56 12.22
C MET B 71 25.95 -20.67 12.10
N VAL B 72 24.90 -20.56 12.91
CA VAL B 72 23.81 -21.55 12.94
C VAL B 72 22.49 -20.83 12.71
N PHE B 73 21.59 -21.49 11.99
CA PHE B 73 20.24 -20.97 11.74
C PHE B 73 19.22 -21.91 12.39
N LYS B 74 18.24 -21.35 13.08
CA LYS B 74 17.17 -22.16 13.60
C LYS B 74 15.82 -21.48 13.44
N VAL B 75 14.92 -22.15 12.73
CA VAL B 75 13.56 -21.65 12.57
C VAL B 75 12.83 -21.88 13.88
N THR B 76 12.39 -20.80 14.49
CA THR B 76 11.66 -20.90 15.75
C THR B 76 10.15 -20.92 15.57
N THR B 77 9.62 -20.31 14.51
CA THR B 77 8.19 -20.34 14.26
C THR B 77 7.93 -20.34 12.76
N MET B 78 6.83 -20.97 12.38
CA MET B 78 6.50 -21.17 10.97
C MET B 78 4.98 -21.17 10.88
N GLU B 79 4.44 -20.24 10.10
CA GLU B 79 2.99 -20.09 9.91
C GLU B 79 2.75 -19.99 8.41
N HIS B 80 2.08 -20.98 7.85
CA HIS B 80 1.88 -21.03 6.41
C HIS B 80 0.68 -20.21 5.94
N ALA B 81 -0.22 -19.82 6.85
CA ALA B 81 -1.41 -19.06 6.49
C ALA B 81 -1.45 -17.73 7.23
N ALA B 82 -0.29 -17.09 7.38
CA ALA B 82 -0.23 -15.82 8.06
C ALA B 82 -0.98 -14.75 7.26
N LEU B 83 -1.46 -13.73 7.98
CA LEU B 83 -2.10 -12.59 7.35
C LEU B 83 -3.28 -13.04 6.48
N GLY B 84 -4.12 -13.88 7.08
CA GLY B 84 -5.30 -14.39 6.39
C GLY B 84 -5.01 -15.24 5.19
N GLY B 85 -3.86 -15.95 5.19
CA GLY B 85 -3.47 -16.80 4.08
C GLY B 85 -2.62 -16.13 3.04
N ALA B 86 -2.39 -14.83 3.15
CA ALA B 86 -1.61 -14.15 2.14
C ALA B 86 -0.12 -14.53 2.22
N ALA B 87 0.35 -14.98 3.37
CA ALA B 87 1.78 -15.15 3.47
C ALA B 87 2.16 -16.33 4.36
N THR B 88 3.36 -16.86 4.09
CA THR B 88 4.09 -17.69 5.02
C THR B 88 4.98 -16.79 5.88
N ARG B 89 4.91 -16.95 7.20
CA ARG B 89 5.70 -16.15 8.11
C ARG B 89 6.64 -17.08 8.89
N LYS B 90 7.92 -16.82 8.76
CA LYS B 90 8.97 -17.55 9.46
C LYS B 90 9.73 -16.61 10.39
N GLU B 91 9.99 -17.04 11.61
CA GLU B 91 10.99 -16.41 12.47
C GLU B 91 12.20 -17.33 12.58
N VAL B 92 13.37 -16.75 12.34
CA VAL B 92 14.63 -17.49 12.32
C VAL B 92 15.62 -16.80 13.25
N THR B 93 16.18 -17.58 14.16
CA THR B 93 17.28 -17.13 15.01
C THR B 93 18.58 -17.42 14.28
N VAL B 94 19.34 -16.38 13.98
CA VAL B 94 20.66 -16.50 13.36
C VAL B 94 21.65 -16.30 14.48
N ARG B 95 22.28 -17.39 14.92
CA ARG B 95 23.29 -17.32 15.97
C ARG B 95 24.67 -17.34 15.35
N PHE B 96 25.56 -16.49 15.83
CA PHE B 96 26.77 -16.24 15.06
C PHE B 96 27.92 -17.14 15.43
N GLY B 97 27.76 -17.98 16.45
CA GLY B 97 28.72 -19.01 16.75
C GLY B 97 28.03 -20.21 17.32
N ARG B 98 28.77 -21.31 17.40
N ARG B 98 28.77 -21.32 17.40
CA ARG B 98 28.20 -22.56 17.92
CA ARG B 98 28.18 -22.55 17.92
C ARG B 98 27.96 -22.48 19.41
C ARG B 98 27.93 -22.46 19.41
N ASP B 99 28.72 -21.65 20.13
CA ASP B 99 28.49 -21.42 21.55
C ASP B 99 27.02 -21.04 21.75
N PRO B 100 26.27 -21.78 22.56
CA PRO B 100 24.85 -21.44 22.74
C PRO B 100 24.63 -20.05 23.30
N ASN B 101 25.66 -19.42 23.86
CA ASN B 101 25.56 -18.04 24.33
C ASN B 101 26.26 -17.06 23.40
N ALA B 102 26.61 -17.47 22.18
CA ALA B 102 27.11 -16.53 21.19
C ALA B 102 26.00 -15.54 20.83
N PRO B 103 26.34 -14.34 20.35
CA PRO B 103 25.28 -13.39 19.99
C PRO B 103 24.43 -13.91 18.83
N SER B 104 23.24 -13.36 18.71
CA SER B 104 22.34 -13.79 17.64
C SER B 104 21.42 -12.64 17.22
N MET B 105 20.71 -12.86 16.12
N MET B 105 20.68 -12.86 16.13
CA MET B 105 19.67 -11.95 15.66
CA MET B 105 19.64 -11.93 15.70
C MET B 105 18.42 -12.76 15.32
C MET B 105 18.43 -12.75 15.30
N GLN B 106 17.28 -12.08 15.37
CA GLN B 106 15.98 -12.66 15.11
C GLN B 106 15.47 -12.10 13.79
N LEU B 107 15.44 -12.93 12.77
CA LEU B 107 15.01 -12.52 11.45
C LEU B 107 13.53 -12.86 11.31
N LEU B 108 12.73 -11.89 10.88
CA LEU B 108 11.32 -12.10 10.58
C LEU B 108 11.19 -12.09 9.06
N LEU B 109 10.57 -13.12 8.51
CA LEU B 109 10.44 -13.26 7.08
C LEU B 109 8.98 -13.57 6.74
N TYR B 110 8.40 -12.75 5.86
CA TYR B 110 7.09 -13.00 5.24
C TYR B 110 7.31 -13.27 3.77
N VAL B 111 6.72 -14.37 3.24
CA VAL B 111 6.85 -14.70 1.85
C VAL B 111 5.44 -14.79 1.25
N PRO B 112 5.20 -14.20 0.07
CA PRO B 112 3.85 -14.20 -0.51
C PRO B 112 3.44 -15.59 -0.96
N ASN B 113 2.33 -16.10 -0.40
CA ASN B 113 1.89 -17.46 -0.73
C ASN B 113 1.58 -17.62 -2.21
N ALA B 114 1.25 -16.52 -2.90
CA ALA B 114 0.95 -16.61 -4.33
C ALA B 114 2.16 -17.02 -5.14
N VAL B 115 3.35 -16.51 -4.77
CA VAL B 115 4.56 -16.87 -5.49
C VAL B 115 4.96 -18.31 -5.16
N ILE B 116 4.92 -18.66 -3.86
CA ILE B 116 5.20 -20.04 -3.46
C ILE B 116 4.32 -21.00 -4.25
N ALA B 117 3.03 -20.68 -4.38
CA ALA B 117 2.09 -21.57 -5.07
C ALA B 117 2.42 -21.72 -6.54
N ARG B 118 3.06 -20.74 -7.16
CA ARG B 118 3.56 -20.88 -8.52
C ARG B 118 4.87 -21.68 -8.58
N ALA B 119 5.25 -22.31 -7.46
CA ALA B 119 6.53 -23.01 -7.34
C ALA B 119 7.68 -22.14 -7.86
N GLU B 120 7.67 -20.87 -7.44
CA GLU B 120 8.71 -19.91 -7.79
C GLU B 120 9.31 -19.35 -6.50
N ARG B 121 10.54 -18.86 -6.61
CA ARG B 121 11.21 -18.26 -5.46
C ARG B 121 10.95 -16.77 -5.48
N ALA B 122 10.57 -16.20 -4.31
CA ALA B 122 10.24 -14.77 -4.31
C ALA B 122 11.50 -13.93 -4.18
N PRO B 123 11.59 -12.83 -4.94
CA PRO B 123 12.54 -11.76 -4.61
C PRO B 123 12.20 -11.16 -3.26
N VAL B 124 13.14 -10.38 -2.72
CA VAL B 124 13.11 -10.03 -1.32
C VAL B 124 13.46 -8.57 -1.08
N PHE B 125 12.68 -7.88 -0.24
CA PHE B 125 13.09 -6.62 0.35
C PHE B 125 13.62 -6.93 1.76
N LEU B 126 14.86 -6.53 2.03
CA LEU B 126 15.53 -6.77 3.30
C LEU B 126 15.96 -5.43 3.93
N GLY B 127 15.53 -5.17 5.16
CA GLY B 127 15.90 -3.92 5.82
C GLY B 127 15.84 -4.07 7.33
N LEU B 128 16.69 -3.31 8.02
CA LEU B 128 16.65 -3.27 9.48
C LEU B 128 15.50 -2.39 9.94
N ASN B 129 15.00 -2.65 11.15
CA ASN B 129 13.99 -1.81 11.73
C ASN B 129 14.50 -1.16 13.01
N PHE B 130 13.81 -0.07 13.36
CA PHE B 130 14.22 0.83 14.40
C PHE B 130 13.88 0.32 15.80
N TYR B 131 12.71 -0.30 15.96
CA TYR B 131 12.15 -0.51 17.29
C TYR B 131 11.70 -1.93 17.59
N GLY B 132 11.91 -2.87 16.68
CA GLY B 132 11.64 -4.28 16.92
C GLY B 132 10.76 -4.89 15.82
N ASN B 133 10.96 -6.19 15.58
CA ASN B 133 10.25 -6.86 14.51
C ASN B 133 8.75 -6.72 14.67
N HIS B 134 8.27 -6.79 15.92
CA HIS B 134 6.83 -6.68 16.22
C HIS B 134 6.22 -5.34 15.86
N THR B 135 7.03 -4.32 15.57
CA THR B 135 6.52 -3.00 15.25
C THR B 135 6.24 -2.81 13.75
N VAL B 136 6.62 -3.77 12.91
CA VAL B 136 6.46 -3.61 11.46
C VAL B 136 5.05 -3.94 11.00
N HIS B 137 4.27 -4.59 11.85
CA HIS B 137 2.90 -5.01 11.55
C HIS B 137 2.23 -5.31 12.88
N THR B 138 0.90 -5.21 12.91
CA THR B 138 0.16 -5.50 14.14
C THR B 138 0.08 -7.00 14.44
N ASP B 139 0.37 -7.86 13.44
CA ASP B 139 0.31 -9.33 13.49
C ASP B 139 0.74 -9.78 14.89
N PRO B 140 -0.22 -10.26 15.68
CA PRO B 140 0.05 -10.52 17.10
C PRO B 140 0.85 -11.79 17.37
N ALA B 141 1.20 -12.55 16.34
CA ALA B 141 2.05 -13.72 16.45
C ALA B 141 3.53 -13.42 16.28
N ILE B 142 3.91 -12.19 15.91
CA ILE B 142 5.33 -11.83 15.87
C ILE B 142 5.86 -11.84 17.30
N ALA B 143 7.00 -12.48 17.51
CA ALA B 143 7.66 -12.38 18.80
C ALA B 143 7.92 -10.93 19.18
N LEU B 144 7.46 -10.51 20.35
CA LEU B 144 7.90 -9.24 20.88
C LEU B 144 9.41 -9.30 21.09
N SER B 145 10.14 -8.31 20.59
CA SER B 145 11.57 -8.25 20.87
C SER B 145 11.81 -8.34 22.37
N ALA B 146 12.77 -9.18 22.75
CA ALA B 146 13.26 -9.29 24.12
C ALA B 146 14.46 -8.37 24.39
N ARG B 147 14.86 -7.54 23.43
CA ARG B 147 16.07 -6.73 23.55
C ARG B 147 15.76 -5.32 24.05
N TRP B 148 16.82 -4.59 24.38
CA TRP B 148 16.68 -3.18 24.76
C TRP B 148 16.13 -2.39 23.59
N ILE B 149 15.19 -1.48 23.86
CA ILE B 149 14.64 -0.59 22.83
C ILE B 149 14.81 0.85 23.29
N PRO B 150 15.03 1.79 22.38
CA PRO B 150 15.29 3.18 22.78
C PRO B 150 14.06 3.86 23.35
N ALA B 151 14.32 4.90 24.16
CA ALA B 151 13.25 5.68 24.77
C ALA B 151 12.25 6.25 23.76
N GLU B 152 12.72 6.53 22.54
CA GLU B 152 11.90 7.08 21.47
C GLU B 152 10.87 6.10 20.92
N ALA B 153 11.00 4.81 21.21
CA ALA B 153 10.12 3.81 20.61
C ALA B 153 8.69 3.99 21.12
N PRO B 154 7.71 4.08 20.23
CA PRO B 154 6.32 4.27 20.69
C PRO B 154 5.86 3.13 21.60
N ASN B 155 5.26 3.50 22.73
CA ASN B 155 4.63 2.57 23.67
C ASN B 155 5.60 1.57 24.27
N GLY B 156 6.87 1.93 24.29
CA GLY B 156 7.81 1.18 25.08
C GLY B 156 7.65 1.51 26.54
N ALA B 157 8.20 0.64 27.38
CA ALA B 157 8.14 0.85 28.83
C ALA B 157 9.43 0.30 29.43
N ASN B 158 10.22 1.16 30.08
CA ASN B 158 11.45 0.73 30.71
C ASN B 158 12.39 0.13 29.67
N HIS B 159 12.45 0.76 28.50
CA HIS B 159 13.25 0.27 27.38
C HIS B 159 12.93 -1.18 27.02
N ARG B 160 11.70 -1.63 27.27
CA ARG B 160 11.23 -2.95 26.87
C ARG B 160 10.03 -2.83 25.92
N ALA B 161 9.91 -3.78 25.01
CA ALA B 161 8.76 -3.80 24.13
C ALA B 161 7.50 -4.21 24.89
N THR B 162 6.37 -3.74 24.39
CA THR B 162 5.07 -4.04 24.98
C THR B 162 4.11 -4.47 23.88
N GLU B 163 2.98 -5.06 24.30
CA GLU B 163 1.95 -5.42 23.34
C GLU B 163 1.40 -4.18 22.64
N ALA B 164 1.35 -3.04 23.33
CA ALA B 164 0.89 -1.81 22.70
C ALA B 164 1.83 -1.31 21.61
N ALA B 165 3.09 -1.79 21.59
CA ALA B 165 4.02 -1.42 20.53
C ALA B 165 3.83 -2.19 19.23
N ARG B 166 3.00 -3.24 19.22
CA ARG B 166 2.84 -3.97 17.97
C ARG B 166 2.30 -3.04 16.88
N GLY B 167 2.88 -3.09 15.69
CA GLY B 167 2.46 -2.26 14.58
C GLY B 167 2.83 -0.80 14.67
N SER B 168 3.58 -0.40 15.70
CA SER B 168 3.84 1.00 15.98
C SER B 168 4.67 1.69 14.92
N ASP B 169 5.37 0.95 14.05
CA ASP B 169 6.11 1.52 12.93
C ASP B 169 5.56 1.07 11.58
N ALA B 170 4.27 0.67 11.51
CA ALA B 170 3.72 0.14 10.25
C ALA B 170 3.74 1.18 9.14
N GLN B 171 3.70 2.45 9.49
CA GLN B 171 3.77 3.51 8.49
C GLN B 171 4.96 3.31 7.55
N LYS B 172 6.15 3.01 8.12
CA LYS B 172 7.34 2.80 7.30
C LYS B 172 7.43 1.40 6.71
N TRP B 173 6.47 0.52 7.02
CA TRP B 173 6.54 -0.90 6.69
C TRP B 173 5.23 -1.38 6.09
N PRO B 174 4.98 -1.10 4.81
CA PRO B 174 3.76 -1.58 4.13
C PRO B 174 3.88 -3.06 3.72
N VAL B 175 3.97 -3.93 4.74
CA VAL B 175 4.30 -5.34 4.49
C VAL B 175 3.29 -5.98 3.53
N GLU B 176 2.00 -5.86 3.82
CA GLU B 176 1.01 -6.52 2.97
C GLU B 176 1.05 -5.99 1.55
N GLN B 177 1.33 -4.70 1.37
CA GLN B 177 1.45 -4.17 0.02
C GLN B 177 2.64 -4.76 -0.72
N ILE B 178 3.78 -4.89 -0.02
CA ILE B 178 4.98 -5.42 -0.64
C ILE B 178 4.73 -6.86 -1.06
N LEU B 179 4.15 -7.63 -0.15
CA LEU B 179 3.80 -9.01 -0.43
C LEU B 179 2.87 -9.08 -1.65
N ALA B 180 1.85 -8.22 -1.66
CA ALA B 180 0.87 -8.23 -2.76
C ALA B 180 1.53 -7.91 -4.10
N ARG B 181 2.63 -7.17 -4.09
CA ARG B 181 3.39 -6.91 -5.30
C ARG B 181 4.36 -8.04 -5.63
N GLY B 182 4.36 -9.13 -4.87
CA GLY B 182 5.14 -10.31 -5.21
C GLY B 182 6.51 -10.41 -4.56
N TYR B 183 6.77 -9.59 -3.53
CA TYR B 183 8.07 -9.57 -2.83
C TYR B 183 7.94 -10.13 -1.43
N ALA B 184 8.88 -10.98 -1.05
CA ALA B 184 9.06 -11.33 0.35
C ALA B 184 9.57 -10.12 1.13
N VAL B 185 9.28 -10.11 2.43
CA VAL B 185 9.69 -9.04 3.32
C VAL B 185 10.51 -9.65 4.45
N ALA B 186 11.76 -9.25 4.56
CA ALA B 186 12.67 -9.72 5.59
C ALA B 186 13.15 -8.54 6.44
N THR B 187 13.20 -8.72 7.76
CA THR B 187 13.62 -7.63 8.62
C THR B 187 14.25 -8.20 9.88
N VAL B 188 15.14 -7.39 10.47
CA VAL B 188 15.78 -7.65 11.76
C VAL B 188 15.78 -6.35 12.57
N TYR B 189 15.58 -6.44 13.88
CA TYR B 189 15.75 -5.27 14.72
C TYR B 189 17.23 -4.90 14.83
N CYS B 190 17.57 -3.64 14.48
CA CYS B 190 18.98 -3.21 14.47
C CYS B 190 19.64 -3.38 15.84
N GLY B 191 18.86 -3.26 16.91
CA GLY B 191 19.38 -3.42 18.27
C GLY B 191 19.77 -4.84 18.64
N ASP B 192 19.29 -5.84 17.88
CA ASP B 192 19.80 -7.21 18.03
C ASP B 192 21.30 -7.23 17.83
N LEU B 193 21.78 -6.46 16.85
CA LEU B 193 23.15 -6.42 16.41
C LEU B 193 23.95 -5.41 17.23
N CYS B 194 23.39 -4.21 17.44
CA CYS B 194 24.01 -3.18 18.26
C CYS B 194 22.95 -2.22 18.78
N PRO B 195 22.59 -2.29 20.06
CA PRO B 195 21.59 -1.36 20.59
C PRO B 195 21.99 0.06 20.25
N ASP B 196 21.01 0.87 19.83
CA ASP B 196 21.31 2.26 19.44
C ASP B 196 21.35 3.19 20.65
N ARG B 197 22.52 3.21 21.31
CA ARG B 197 22.80 4.13 22.42
C ARG B 197 24.32 4.31 22.52
N PRO B 198 24.79 5.40 23.17
CA PRO B 198 26.24 5.68 23.15
C PRO B 198 27.13 4.53 23.57
N ASP B 199 26.72 3.68 24.52
CA ASP B 199 27.55 2.56 24.91
C ASP B 199 27.06 1.22 24.38
N GLY B 200 26.24 1.22 23.33
CA GLY B 200 25.62 -0.03 22.89
C GLY B 200 26.60 -1.03 22.30
N LEU B 201 27.78 -0.57 21.89
CA LEU B 201 28.77 -1.49 21.35
C LEU B 201 29.17 -2.56 22.35
N ASN B 202 29.03 -2.30 23.66
CA ASN B 202 29.32 -3.31 24.68
C ASN B 202 28.36 -4.47 24.66
N ALA B 203 27.17 -4.29 24.08
CA ALA B 203 26.16 -5.31 23.94
C ALA B 203 26.12 -5.89 22.54
N SER B 204 27.06 -5.54 21.68
CA SER B 204 26.93 -5.80 20.27
C SER B 204 27.79 -7.00 19.87
N VAL B 205 27.54 -7.47 18.66
CA VAL B 205 28.39 -8.44 18.01
C VAL B 205 29.85 -8.07 18.22
N ALA B 206 30.17 -6.77 18.20
CA ALA B 206 31.56 -6.37 18.35
C ALA B 206 32.11 -6.77 19.71
N SER B 207 31.26 -6.78 20.72
CA SER B 207 31.69 -7.15 22.05
C SER B 207 32.08 -8.63 22.10
N TRP B 208 31.48 -9.48 21.25
CA TRP B 208 31.80 -10.91 21.19
C TRP B 208 33.21 -11.13 20.67
N LEU B 209 33.70 -10.23 19.82
CA LEU B 209 34.99 -10.37 19.18
C LEU B 209 36.10 -9.56 19.84
N ASP B 210 35.77 -8.57 20.65
CA ASP B 210 36.76 -7.67 21.23
C ASP B 210 36.34 -7.38 22.66
N ALA B 211 37.20 -7.69 23.63
CA ALA B 211 36.81 -7.56 25.02
C ALA B 211 36.73 -6.12 25.49
N ALA B 212 37.24 -5.17 24.70
CA ALA B 212 37.37 -3.79 25.13
C ALA B 212 36.00 -3.12 25.33
N ALA B 213 35.94 -2.23 26.32
CA ALA B 213 34.86 -1.26 26.39
C ALA B 213 34.77 -0.52 25.06
N GLY B 214 33.52 -0.26 24.61
CA GLY B 214 33.34 0.33 23.30
C GLY B 214 34.02 1.67 23.12
N ASP B 215 34.20 2.42 24.21
CA ASP B 215 34.94 3.68 24.17
C ASP B 215 36.42 3.49 23.92
N GLN B 216 36.94 2.31 24.23
CA GLN B 216 38.34 2.05 24.06
C GLN B 216 38.62 1.29 22.79
N ARG B 217 37.61 1.17 21.91
CA ARG B 217 37.83 0.46 20.66
C ARG B 217 38.93 1.16 19.88
N ALA B 218 39.65 0.37 19.08
CA ALA B 218 40.68 0.92 18.20
C ALA B 218 40.11 2.07 17.37
N PRO B 219 40.95 3.03 16.95
CA PRO B 219 40.42 4.18 16.20
C PRO B 219 39.79 3.80 14.86
N ASP B 220 40.21 2.69 14.26
CA ASP B 220 39.70 2.26 12.97
C ASP B 220 38.76 1.07 13.12
N ALA B 221 38.30 0.79 14.35
CA ALA B 221 37.36 -0.30 14.59
C ALA B 221 35.95 0.11 14.21
N TRP B 222 35.17 -0.87 13.78
CA TRP B 222 33.79 -0.61 13.39
C TRP B 222 32.95 -0.12 14.56
N GLY B 223 31.95 0.70 14.24
CA GLY B 223 30.91 1.14 15.17
C GLY B 223 29.55 0.59 14.77
N ALA B 224 28.50 1.32 15.22
CA ALA B 224 27.14 0.74 15.09
C ALA B 224 26.74 0.54 13.63
N ILE B 225 27.06 1.51 12.74
CA ILE B 225 26.65 1.40 11.34
C ILE B 225 27.30 0.17 10.71
N GLY B 226 28.59 -0.03 10.97
CA GLY B 226 29.29 -1.20 10.47
C GLY B 226 28.71 -2.50 11.00
N VAL B 227 28.35 -2.55 12.29
CA VAL B 227 27.77 -3.76 12.85
C VAL B 227 26.38 -4.01 12.23
N TRP B 228 25.58 -2.95 12.11
CA TRP B 228 24.26 -3.04 11.48
C TRP B 228 24.39 -3.57 10.05
N ALA B 229 25.31 -3.00 9.27
CA ALA B 229 25.53 -3.48 7.90
C ALA B 229 25.97 -4.95 7.88
N TRP B 230 26.84 -5.32 8.81
CA TRP B 230 27.25 -6.72 8.89
C TRP B 230 26.04 -7.62 9.09
N GLY B 231 25.12 -7.25 9.98
CA GLY B 231 23.93 -8.06 10.19
C GLY B 231 23.10 -8.26 8.94
N LEU B 232 23.02 -7.24 8.10
CA LEU B 232 22.30 -7.35 6.85
C LEU B 232 22.92 -8.43 5.96
N SER B 233 24.25 -8.48 5.86
CA SER B 233 24.91 -9.51 5.06
C SER B 233 24.73 -10.88 5.66
N ARG B 234 24.62 -10.98 7.01
CA ARG B 234 24.36 -12.28 7.61
C ARG B 234 22.92 -12.70 7.35
N ALA B 235 21.99 -11.72 7.37
CA ALA B 235 20.62 -12.00 6.94
C ALA B 235 20.64 -12.55 5.51
N LEU B 236 21.45 -11.96 4.64
CA LEU B 236 21.55 -12.47 3.28
C LEU B 236 22.13 -13.88 3.26
N ASP B 237 23.10 -14.16 4.13
CA ASP B 237 23.60 -15.53 4.24
C ASP B 237 22.45 -16.48 4.56
N TYR B 238 21.54 -16.09 5.46
CA TYR B 238 20.44 -16.97 5.77
C TYR B 238 19.51 -17.11 4.56
N LEU B 239 19.24 -16.01 3.88
CA LEU B 239 18.31 -16.06 2.75
C LEU B 239 18.78 -17.03 1.69
N GLU B 240 20.08 -17.12 1.45
CA GLU B 240 20.61 -18.04 0.43
C GLU B 240 20.27 -19.51 0.74
N THR B 241 19.94 -19.85 1.98
CA THR B 241 19.57 -21.21 2.33
C THR B 241 18.07 -21.49 2.36
N ASP B 242 17.24 -20.48 2.15
CA ASP B 242 15.80 -20.67 2.30
C ASP B 242 15.19 -20.87 0.92
N PRO B 243 14.68 -22.07 0.60
CA PRO B 243 14.18 -22.30 -0.78
C PRO B 243 12.93 -21.51 -1.15
N LEU B 244 12.33 -20.73 -0.24
CA LEU B 244 11.17 -19.90 -0.58
C LEU B 244 11.55 -18.62 -1.31
N VAL B 245 12.79 -18.17 -1.19
CA VAL B 245 13.23 -16.88 -1.71
C VAL B 245 14.37 -17.06 -2.71
N ASP B 246 14.54 -16.06 -3.54
CA ASP B 246 15.63 -15.97 -4.50
C ASP B 246 16.64 -14.96 -3.94
N ALA B 247 17.66 -15.47 -3.26
CA ALA B 247 18.68 -14.63 -2.66
C ALA B 247 19.54 -13.92 -3.66
N SER B 248 19.35 -14.18 -4.96
CA SER B 248 20.04 -13.40 -5.99
C SER B 248 19.27 -12.14 -6.34
N ARG B 249 18.07 -11.96 -5.80
CA ARG B 249 17.24 -10.79 -6.11
C ARG B 249 16.74 -10.14 -4.81
N VAL B 250 17.70 -9.68 -4.00
CA VAL B 250 17.44 -9.05 -2.73
C VAL B 250 17.71 -7.56 -2.85
N ALA B 251 16.70 -6.75 -2.58
CA ALA B 251 16.85 -5.32 -2.44
C ALA B 251 17.08 -5.00 -0.97
N VAL B 252 18.24 -4.45 -0.65
CA VAL B 252 18.54 -4.04 0.72
C VAL B 252 18.21 -2.56 0.80
N HIS B 253 17.42 -2.20 1.79
CA HIS B 253 16.90 -0.85 1.95
C HIS B 253 17.07 -0.42 3.39
N GLY B 254 17.12 0.90 3.60
CA GLY B 254 17.02 1.41 4.95
C GLY B 254 16.57 2.84 4.95
N HIS B 255 16.00 3.26 6.08
CA HIS B 255 15.57 4.63 6.33
C HIS B 255 16.52 5.33 7.29
N ALA B 256 16.98 6.53 6.91
CA ALA B 256 17.72 7.44 7.81
C ALA B 256 18.96 6.71 8.30
N ARG B 257 19.19 6.59 9.62
CA ARG B 257 20.44 5.97 10.08
C ARG B 257 20.52 4.51 9.64
N LEU B 258 19.37 3.84 9.48
CA LEU B 258 19.39 2.47 8.96
C LEU B 258 19.57 2.42 7.45
N GLY B 259 19.38 3.54 6.76
CA GLY B 259 19.80 3.64 5.37
C GLY B 259 21.29 3.89 5.23
N LYS B 260 21.90 4.58 6.19
CA LYS B 260 23.37 4.58 6.23
C LYS B 260 23.88 3.14 6.28
N ALA B 261 23.26 2.31 7.14
CA ALA B 261 23.69 0.92 7.24
C ALA B 261 23.43 0.17 5.93
N ALA B 262 22.29 0.45 5.29
CA ALA B 262 21.97 -0.26 4.06
C ALA B 262 22.95 0.10 2.94
N LEU B 263 23.37 1.37 2.86
CA LEU B 263 24.35 1.76 1.85
C LEU B 263 25.69 1.05 2.09
N TRP B 264 26.17 1.08 3.34
CA TRP B 264 27.46 0.47 3.66
C TRP B 264 27.43 -1.05 3.49
N ALA B 265 26.27 -1.67 3.75
CA ALA B 265 26.13 -3.11 3.49
C ALA B 265 26.18 -3.40 2.00
N GLY B 266 25.50 -2.57 1.19
CA GLY B 266 25.49 -2.79 -0.24
C GLY B 266 26.83 -2.49 -0.89
N ALA B 267 27.54 -1.49 -0.38
CA ALA B 267 28.87 -1.19 -0.90
C ALA B 267 29.85 -2.31 -0.60
N GLN B 268 29.76 -2.89 0.60
CA GLN B 268 30.72 -3.93 0.96
C GLN B 268 30.41 -5.27 0.34
N ASP B 269 29.13 -5.57 0.07
CA ASP B 269 28.66 -6.92 -0.23
C ASP B 269 27.96 -6.84 -1.58
N ASP B 270 28.69 -7.12 -2.64
CA ASP B 270 28.11 -6.99 -3.97
C ASP B 270 27.14 -8.10 -4.33
N ARG B 271 26.81 -9.01 -3.40
CA ARG B 271 25.71 -9.95 -3.61
C ARG B 271 24.35 -9.24 -3.60
N PHE B 272 24.24 -8.10 -2.95
CA PHE B 272 22.96 -7.41 -2.92
C PHE B 272 22.64 -6.93 -4.33
N ALA B 273 21.47 -7.29 -4.84
CA ALA B 273 21.12 -6.95 -6.22
C ALA B 273 20.73 -5.49 -6.39
N LEU B 274 20.27 -4.86 -5.32
CA LEU B 274 19.71 -3.51 -5.39
C LEU B 274 19.81 -2.86 -4.01
N VAL B 275 20.11 -1.57 -4.00
CA VAL B 275 20.34 -0.84 -2.76
C VAL B 275 19.40 0.39 -2.72
N ILE B 276 18.69 0.56 -1.62
CA ILE B 276 17.78 1.69 -1.45
C ILE B 276 18.18 2.47 -0.21
N SER B 277 18.42 3.76 -0.37
CA SER B 277 18.73 4.69 0.71
C SER B 277 17.63 5.74 0.87
N ASN B 278 16.79 5.60 1.87
CA ASN B 278 15.68 6.54 2.10
C ASN B 278 16.13 7.56 3.12
N GLU B 279 16.43 8.77 2.64
CA GLU B 279 16.71 9.94 3.47
C GLU B 279 17.79 9.63 4.52
N SER B 280 18.89 9.03 4.05
CA SER B 280 19.95 8.59 4.95
C SER B 280 20.87 9.72 5.40
N GLY B 281 20.90 10.85 4.68
CA GLY B 281 21.49 12.05 5.24
C GLY B 281 22.97 11.90 5.55
N CYS B 282 23.40 12.52 6.65
CA CYS B 282 24.84 12.74 6.89
C CYS B 282 25.59 11.44 7.16
N GLY B 283 26.72 11.25 6.48
CA GLY B 283 27.38 9.95 6.56
C GLY B 283 26.64 8.83 5.88
N GLY B 284 25.59 9.15 5.11
CA GLY B 284 24.94 8.20 4.23
C GLY B 284 25.04 8.69 2.80
N ALA B 285 23.93 9.20 2.25
CA ALA B 285 23.92 9.68 0.88
C ALA B 285 24.31 11.16 0.73
N ALA B 286 24.16 11.97 1.77
CA ALA B 286 24.44 13.39 1.65
C ALA B 286 25.95 13.69 1.60
N LEU B 287 26.35 14.59 0.69
CA LEU B 287 27.73 15.10 0.71
C LEU B 287 28.04 15.82 2.01
N SER B 288 29.15 15.45 2.67
CA SER B 288 29.52 16.07 3.93
C SER B 288 30.14 17.45 3.70
N LYS B 289 30.97 17.56 2.65
CA LYS B 289 31.67 18.81 2.35
C LYS B 289 30.74 19.98 2.07
N ARG B 290 29.42 19.77 2.00
CA ARG B 290 28.51 20.90 1.89
C ARG B 290 28.16 21.50 3.24
N ILE B 291 28.48 20.80 4.33
CA ILE B 291 28.21 21.23 5.70
C ILE B 291 26.88 21.97 5.84
N HIS B 292 25.85 21.47 5.15
CA HIS B 292 24.48 21.95 5.32
C HIS B 292 23.72 20.97 6.23
N GLY B 293 22.97 21.52 7.17
CA GLY B 293 22.16 20.71 8.05
C GLY B 293 22.99 20.05 9.12
N GLU B 294 22.97 18.73 9.16
CA GLU B 294 23.81 17.98 10.09
C GLU B 294 25.26 17.98 9.62
N THR B 295 26.18 18.12 10.59
CA THR B 295 27.61 18.17 10.35
C THR B 295 28.28 16.93 10.93
N VAL B 296 29.54 16.72 10.53
CA VAL B 296 30.31 15.60 11.08
C VAL B 296 30.45 15.75 12.59
N ALA B 297 30.63 16.99 13.07
CA ALA B 297 30.88 17.20 14.50
C ALA B 297 29.63 16.87 15.32
N ARG B 298 28.48 17.38 14.92
CA ARG B 298 27.27 17.14 15.70
C ARG B 298 26.91 15.67 15.72
N ILE B 299 27.06 14.97 14.58
CA ILE B 299 26.62 13.58 14.54
C ILE B 299 27.53 12.72 15.43
N ASN B 300 28.83 13.02 15.47
CA ASN B 300 29.73 12.22 16.29
C ASN B 300 29.61 12.54 17.78
N THR B 301 29.16 13.73 18.11
CA THR B 301 28.96 14.05 19.51
C THR B 301 27.67 13.46 20.00
N VAL B 302 26.63 13.54 19.18
CA VAL B 302 25.37 12.97 19.59
C VAL B 302 25.41 11.46 19.49
N PHE B 303 26.11 10.91 18.49
CA PHE B 303 26.09 9.47 18.18
C PHE B 303 27.51 8.95 18.14
N PRO B 304 28.19 8.94 19.30
CA PRO B 304 29.63 8.61 19.27
C PRO B 304 29.89 7.15 18.96
N HIS B 305 28.88 6.29 19.02
CA HIS B 305 29.02 4.88 18.69
C HIS B 305 28.76 4.58 17.21
N TRP B 306 28.29 5.53 16.41
CA TRP B 306 27.85 5.18 15.06
C TRP B 306 29.03 4.94 14.11
N PHE B 307 30.06 5.78 14.18
CA PHE B 307 31.16 5.73 13.24
C PHE B 307 32.45 5.26 13.92
N ALA B 308 33.49 5.08 13.12
CA ALA B 308 34.82 4.87 13.70
C ALA B 308 35.23 6.11 14.48
N ARG B 309 36.03 5.92 15.54
CA ARG B 309 36.59 7.09 16.22
C ARG B 309 37.43 7.95 15.26
N ASN B 310 38.10 7.32 14.29
CA ASN B 310 38.83 8.10 13.29
C ASN B 310 37.96 9.14 12.59
N PHE B 311 36.65 8.91 12.48
CA PHE B 311 35.79 9.89 11.81
C PHE B 311 35.73 11.20 12.57
N ARG B 312 35.95 11.19 13.88
CA ARG B 312 35.94 12.41 14.67
C ARG B 312 37.03 13.39 14.25
N ARG B 313 38.10 12.90 13.60
CA ARG B 313 39.11 13.81 13.04
C ARG B 313 38.48 14.91 12.20
N TYR B 314 37.37 14.60 11.52
CA TYR B 314 36.79 15.54 10.56
C TYR B 314 35.71 16.41 11.15
N ASP B 315 35.46 16.29 12.46
CA ASP B 315 34.55 17.21 13.15
C ASP B 315 34.99 18.64 12.91
N ASP B 316 34.08 19.46 12.37
CA ASP B 316 34.34 20.85 11.99
C ASP B 316 35.61 20.96 11.13
N HIS B 317 35.90 19.92 10.37
CA HIS B 317 37.08 19.88 9.52
C HIS B 317 36.80 18.94 8.34
N GLU B 318 35.63 19.10 7.71
CA GLU B 318 35.23 18.26 6.59
C GLU B 318 36.14 18.44 5.38
N GLU B 319 36.80 19.60 5.25
CA GLU B 319 37.72 19.84 4.14
C GLU B 319 38.77 18.73 4.05
N ALA B 320 39.25 18.23 5.19
CA ALA B 320 40.32 17.23 5.20
C ALA B 320 39.86 15.84 4.79
N LEU B 321 38.56 15.62 4.57
CA LEU B 321 38.08 14.26 4.30
C LEU B 321 38.73 13.71 3.04
N PRO B 322 39.31 12.50 3.08
CA PRO B 322 39.86 11.94 1.85
C PRO B 322 38.81 11.40 0.91
N VAL B 323 37.59 11.20 1.39
CA VAL B 323 36.48 10.70 0.58
C VAL B 323 35.26 11.55 0.88
N ASP B 324 34.22 11.40 0.06
CA ASP B 324 32.90 11.91 0.41
C ASP B 324 31.85 10.92 -0.07
N GLN B 325 30.61 11.14 0.36
CA GLN B 325 29.58 10.11 0.21
C GLN B 325 29.23 9.81 -1.25
N HIS B 326 29.57 10.68 -2.21
CA HIS B 326 29.37 10.32 -3.61
C HIS B 326 30.19 9.09 -3.96
N GLU B 327 31.31 8.88 -3.29
CA GLU B 327 32.11 7.70 -3.59
C GLU B 327 31.53 6.46 -2.92
N LEU B 328 30.81 6.64 -1.80
CA LEU B 328 30.09 5.50 -1.21
C LEU B 328 29.01 5.03 -2.16
N LEU B 329 28.22 5.97 -2.70
CA LEU B 329 27.23 5.63 -3.72
C LEU B 329 27.88 4.93 -4.91
N ALA B 330 29.04 5.44 -5.37
CA ALA B 330 29.73 4.82 -6.49
C ALA B 330 30.13 3.38 -6.22
N LEU B 331 30.38 3.00 -4.96
CA LEU B 331 30.68 1.61 -4.66
C LEU B 331 29.54 0.65 -4.94
N VAL B 332 28.33 1.16 -5.19
CA VAL B 332 27.26 0.25 -5.55
C VAL B 332 27.30 -0.12 -7.03
N ALA B 333 27.90 0.71 -7.86
CA ALA B 333 27.87 0.47 -9.30
C ALA B 333 28.52 -0.87 -9.64
N PRO B 334 28.03 -1.56 -10.68
CA PRO B 334 26.95 -1.16 -11.59
C PRO B 334 25.53 -1.58 -11.13
N ARG B 335 25.37 -2.04 -9.89
CA ARG B 335 24.06 -2.49 -9.43
C ARG B 335 23.12 -1.30 -9.21
N PRO B 336 21.82 -1.53 -9.33
CA PRO B 336 20.87 -0.41 -9.20
C PRO B 336 20.87 0.16 -7.79
N LEU B 337 20.89 1.48 -7.73
CA LEU B 337 20.95 2.23 -6.48
C LEU B 337 19.87 3.30 -6.53
N TYR B 338 19.03 3.36 -5.49
CA TYR B 338 18.00 4.39 -5.36
C TYR B 338 18.31 5.23 -4.13
N VAL B 339 18.50 6.54 -4.36
CA VAL B 339 18.63 7.55 -3.32
C VAL B 339 17.44 8.49 -3.35
N ALA B 340 16.89 8.80 -2.19
CA ALA B 340 15.70 9.64 -2.12
C ALA B 340 15.73 10.55 -0.91
N SER B 341 15.06 11.68 -1.06
CA SER B 341 15.02 12.77 -0.09
C SER B 341 13.57 13.19 0.16
N ALA B 342 13.42 13.99 1.19
CA ALA B 342 12.16 14.63 1.51
C ALA B 342 12.40 16.14 1.55
N GLU B 343 11.54 16.88 0.85
CA GLU B 343 11.77 18.30 0.64
C GLU B 343 11.93 19.05 1.96
N ASP B 344 11.18 18.66 2.98
CA ASP B 344 11.21 19.36 4.26
C ASP B 344 12.04 18.60 5.27
N ASP B 345 12.95 17.76 4.82
N ASP B 345 13.08 17.90 4.80
CA ASP B 345 13.68 16.91 5.74
CA ASP B 345 14.07 17.20 5.61
C ASP B 345 14.53 17.78 6.66
C ASP B 345 15.38 17.99 5.59
N ASP B 346 14.23 17.72 7.94
N ASP B 346 15.32 19.27 6.01
CA ASP B 346 15.12 18.39 8.83
CA ASP B 346 16.50 20.14 6.05
C ASP B 346 16.33 17.46 8.88
C ASP B 346 17.69 19.44 6.66
N TRP B 347 17.50 18.10 8.97
N TRP B 347 17.47 18.80 7.81
CA TRP B 347 18.83 17.50 9.08
CA TRP B 347 18.51 18.08 8.52
C TRP B 347 19.45 16.77 7.87
C TRP B 347 19.35 17.16 7.61
N ALA B 348 18.68 16.27 6.88
CA ALA B 348 19.37 15.39 5.94
C ALA B 348 20.01 16.09 4.74
N ASP B 349 19.71 17.34 4.49
CA ASP B 349 20.24 18.06 3.34
C ASP B 349 19.83 17.37 2.04
N PRO B 350 18.59 17.54 1.59
CA PRO B 350 18.16 16.91 0.33
C PRO B 350 19.02 17.29 -0.87
N ARG B 351 19.46 18.55 -0.97
CA ARG B 351 20.29 18.92 -2.12
C ARG B 351 21.65 18.23 -2.07
N GLY B 352 22.20 18.06 -0.86
CA GLY B 352 23.43 17.29 -0.74
C GLY B 352 23.29 15.83 -1.13
N GLU B 353 22.17 15.20 -0.75
CA GLU B 353 21.88 13.86 -1.25
C GLU B 353 21.82 13.88 -2.77
N PHE B 354 21.16 14.89 -3.34
CA PHE B 354 21.06 14.93 -4.79
C PHE B 354 22.43 15.13 -5.44
N LEU B 355 23.23 16.07 -4.90
CA LEU B 355 24.54 16.33 -5.49
C LEU B 355 25.45 15.12 -5.38
N ALA B 356 25.32 14.33 -4.31
CA ALA B 356 26.13 13.13 -4.20
C ALA B 356 25.77 12.14 -5.29
N VAL B 357 24.49 12.07 -5.64
CA VAL B 357 24.07 11.20 -6.73
C VAL B 357 24.71 11.66 -8.03
N LYS B 358 24.60 12.96 -8.30
CA LYS B 358 25.16 13.54 -9.51
C LYS B 358 26.67 13.28 -9.60
N ALA B 359 27.36 13.47 -8.49
CA ALA B 359 28.81 13.25 -8.47
C ALA B 359 29.18 11.78 -8.60
N ALA B 360 28.27 10.86 -8.26
CA ALA B 360 28.52 9.45 -8.44
C ALA B 360 28.27 8.98 -9.85
N GLU B 361 27.50 9.75 -10.62
CA GLU B 361 27.05 9.27 -11.92
C GLU B 361 28.18 8.90 -12.87
N PRO B 362 29.29 9.65 -12.94
CA PRO B 362 30.37 9.23 -13.86
C PRO B 362 30.75 7.76 -13.72
N VAL B 363 30.74 7.23 -12.51
CA VAL B 363 31.11 5.83 -12.32
C VAL B 363 30.03 4.92 -12.88
N PHE B 364 28.76 5.26 -12.68
CA PHE B 364 27.72 4.45 -13.31
C PHE B 364 27.81 4.51 -14.83
N ARG B 365 28.04 5.69 -15.40
CA ARG B 365 28.18 5.76 -16.85
C ARG B 365 29.30 4.84 -17.33
N LEU B 366 30.36 4.70 -16.53
CA LEU B 366 31.44 3.80 -16.89
C LEU B 366 30.93 2.39 -17.16
N PHE B 367 29.89 1.96 -16.47
CA PHE B 367 29.25 0.68 -16.74
C PHE B 367 28.04 0.84 -17.65
N GLY B 368 27.94 1.95 -18.35
CA GLY B 368 26.86 2.10 -19.30
C GLY B 368 25.48 2.22 -18.68
N GLN B 369 25.41 2.72 -17.45
CA GLN B 369 24.15 2.99 -16.77
C GLN B 369 23.96 4.49 -16.70
N THR B 370 22.71 4.89 -16.47
CA THR B 370 22.33 6.29 -16.51
C THR B 370 21.92 6.75 -15.13
N GLY B 371 22.39 7.94 -14.76
CA GLY B 371 22.00 8.61 -13.56
C GLY B 371 21.06 9.74 -13.88
N PRO B 372 20.69 10.52 -12.87
CA PRO B 372 19.75 11.62 -13.11
C PRO B 372 20.25 12.54 -14.22
N SER B 373 19.33 12.92 -15.10
CA SER B 373 19.59 13.97 -16.07
C SER B 373 19.26 15.32 -15.44
N GLY B 374 19.85 16.38 -15.98
CA GLY B 374 19.68 17.70 -15.39
C GLY B 374 20.49 17.84 -14.12
N GLU B 375 20.84 19.08 -13.75
CA GLU B 375 21.91 19.29 -12.79
C GLU B 375 21.48 19.84 -11.44
N ASP B 376 20.27 20.36 -11.30
CA ASP B 376 19.74 20.59 -9.96
C ASP B 376 18.48 19.75 -9.76
N VAL B 377 18.05 19.72 -8.50
CA VAL B 377 17.05 18.79 -8.00
C VAL B 377 15.84 18.73 -8.92
N PRO B 378 15.38 17.54 -9.30
CA PRO B 378 14.18 17.47 -10.12
C PRO B 378 12.99 18.05 -9.37
N ARG B 379 11.84 18.09 -10.02
CA ARG B 379 10.63 18.45 -9.31
C ARG B 379 10.25 17.31 -8.36
N VAL B 380 9.47 17.65 -7.34
CA VAL B 380 9.06 16.65 -6.37
C VAL B 380 8.16 15.62 -7.03
N ASN B 381 8.23 14.40 -6.51
CA ASN B 381 7.46 13.26 -6.98
C ASN B 381 7.72 12.96 -8.45
N GLU B 382 8.84 13.44 -9.01
CA GLU B 382 9.27 13.08 -10.37
C GLU B 382 10.66 12.44 -10.32
N PRO B 383 10.74 11.13 -10.17
CA PRO B 383 12.06 10.50 -10.11
C PRO B 383 12.83 10.74 -11.40
N SER B 384 14.17 10.68 -11.30
CA SER B 384 14.99 10.74 -12.49
C SER B 384 16.21 9.83 -12.37
N GLY B 385 16.63 9.32 -13.52
CA GLY B 385 17.78 8.44 -13.64
C GLY B 385 17.37 7.08 -14.15
N GLY B 386 18.39 6.26 -14.40
CA GLY B 386 18.14 4.89 -14.79
C GLY B 386 18.40 3.94 -13.65
N ALA B 387 19.51 3.20 -13.73
CA ALA B 387 19.87 2.30 -12.64
C ALA B 387 20.31 3.09 -11.43
N LEU B 388 20.81 4.31 -11.64
CA LEU B 388 21.10 5.25 -10.56
C LEU B 388 19.92 6.22 -10.53
N ARG B 389 19.10 6.11 -9.50
CA ARG B 389 17.79 6.74 -9.47
C ARG B 389 17.66 7.65 -8.27
N TYR B 390 16.95 8.76 -8.46
CA TYR B 390 16.75 9.70 -7.38
C TYR B 390 15.33 10.24 -7.40
N HIS B 391 14.78 10.49 -6.23
CA HIS B 391 13.62 11.37 -6.19
C HIS B 391 13.61 12.14 -4.89
N ILE B 392 12.90 13.27 -4.93
CA ILE B 392 12.57 14.06 -3.76
C ILE B 392 11.05 14.16 -3.70
N ARG B 393 10.49 13.85 -2.55
CA ARG B 393 9.06 13.92 -2.33
C ARG B 393 8.76 15.11 -1.44
N PRO B 394 7.53 15.62 -1.46
CA PRO B 394 7.18 16.69 -0.53
C PRO B 394 7.08 16.12 0.87
N GLY B 395 7.22 17.01 1.84
CA GLY B 395 6.92 16.68 3.22
C GLY B 395 8.12 16.46 4.10
N PRO B 396 7.85 16.14 5.36
CA PRO B 396 8.91 16.01 6.34
C PRO B 396 9.57 14.64 6.29
N HIS B 397 10.61 14.50 7.11
CA HIS B 397 11.40 13.29 7.20
C HIS B 397 10.55 12.07 7.50
N GLY B 398 10.78 10.99 6.76
CA GLY B 398 9.99 9.79 6.94
C GLY B 398 10.13 8.86 5.76
N MET B 399 9.26 7.84 5.75
CA MET B 399 9.23 6.86 4.66
C MET B 399 7.76 6.56 4.36
N THR B 400 7.27 7.08 3.25
CA THR B 400 5.85 7.16 2.95
C THR B 400 5.42 6.22 1.84
N ALA B 401 4.09 6.12 1.67
CA ALA B 401 3.53 5.35 0.56
C ALA B 401 4.12 5.77 -0.78
N GLN B 402 4.33 7.07 -0.95
CA GLN B 402 4.89 7.49 -2.22
C GLN B 402 6.32 7.00 -2.37
N ASP B 403 7.14 7.09 -1.30
CA ASP B 403 8.49 6.54 -1.39
C ASP B 403 8.42 5.06 -1.80
N TRP B 404 7.56 4.31 -1.11
CA TRP B 404 7.49 2.88 -1.34
C TRP B 404 6.94 2.57 -2.73
N ALA B 405 5.99 3.36 -3.26
CA ALA B 405 5.51 3.13 -4.63
C ALA B 405 6.66 3.21 -5.63
N PHE B 406 7.53 4.22 -5.47
CA PHE B 406 8.70 4.35 -6.35
C PHE B 406 9.67 3.19 -6.18
N TYR B 407 9.96 2.77 -4.94
CA TYR B 407 10.86 1.64 -4.73
C TYR B 407 10.32 0.37 -5.35
N LEU B 408 8.99 0.14 -5.27
CA LEU B 408 8.43 -1.10 -5.80
C LEU B 408 8.48 -1.14 -7.33
N ALA B 409 8.21 -0.01 -7.98
CA ALA B 409 8.35 0.07 -9.44
C ALA B 409 9.81 -0.05 -9.88
N PHE B 410 10.73 0.51 -9.10
CA PHE B 410 12.16 0.34 -9.34
C PHE B 410 12.53 -1.13 -9.28
N ALA B 411 12.08 -1.81 -8.22
CA ALA B 411 12.37 -3.23 -8.10
C ALA B 411 11.73 -4.03 -9.23
N ASP B 412 10.49 -3.68 -9.60
CA ASP B 412 9.82 -4.35 -10.72
C ASP B 412 10.70 -4.32 -11.97
N GLU B 413 11.37 -3.20 -12.19
CA GLU B 413 12.18 -3.01 -13.37
C GLU B 413 13.50 -3.78 -13.30
N TRP B 414 14.14 -3.82 -12.11
CA TRP B 414 15.52 -4.28 -12.01
C TRP B 414 15.69 -5.64 -11.36
N LEU B 415 14.64 -6.21 -10.76
CA LEU B 415 14.70 -7.57 -10.23
C LEU B 415 13.79 -8.52 -11.01
N LYS B 416 13.65 -8.28 -12.31
CA LYS B 416 12.90 -9.20 -13.16
C LYS B 416 13.49 -10.61 -13.08
N SER B 417 12.65 -11.60 -13.32
CA SER B 417 13.07 -12.99 -13.25
C SER B 417 13.25 -13.58 -14.65
C1 GCU C . -23.74 -8.74 6.39
C2 GCU C . -24.71 -8.97 5.29
C3 GCU C . -24.02 -9.04 3.94
C4 GCU C . -23.23 -7.78 3.76
C5 GCU C . -22.23 -7.67 4.92
C6 GCU C . -21.36 -6.45 4.88
O1 GCU C . -22.88 -9.84 6.42
O2 GCU C . -25.35 -10.19 5.57
O3 GCU C . -24.96 -9.14 2.91
O4 GCU C . -22.68 -7.85 2.46
O5 GCU C . -22.95 -7.60 6.14
O6A GCU C . -20.19 -6.51 5.35
O6B GCU C . -21.85 -5.44 4.40
H1 GCU C . -24.27 -8.63 7.34
H2 GCU C . -25.44 -8.15 5.27
H3 GCU C . -23.34 -9.90 3.93
H4 GCU C . -23.91 -6.93 3.81
H5 GCU C . -21.59 -8.56 4.91
HO1 GCU C . -22.41 -9.86 7.26
HO2 GCU C . -25.93 -10.08 6.34
HO3 GCU C . -25.82 -9.36 3.28
HO4 GCU C . -21.72 -7.76 2.50
CL CL D . 0.95 -0.29 -4.75
C3 M55 E . -28.21 -2.57 9.95
C4 M55 E . -28.97 -3.77 10.49
C1 M55 E . -27.08 -2.41 12.17
C01 M55 E . -31.70 -6.20 12.97
C02 M55 E . -33.97 -6.05 11.89
C03 M55 E . -35.31 -5.73 11.91
C04 M55 E . -35.88 -5.20 13.04
C05 M55 E . -35.09 -5.00 14.17
C06 M55 E . -33.75 -5.32 14.15
C07 M55 E . -33.20 -5.86 13.01
C2 M55 E . -26.85 -2.42 10.66
C5 M55 E . -29.01 -3.68 12.03
C6 M55 E . -29.70 -4.96 12.49
O6B M55 E . -31.11 -5.02 12.48
O1 M55 E . -27.83 -1.30 12.57
O2 M55 E . -26.20 -1.24 10.21
O3 M55 E . -27.97 -2.77 8.59
O4 M55 E . -30.28 -3.88 9.99
O5 M55 E . -27.72 -3.61 12.55
O6A M55 E . -29.05 -5.88 12.82
H3 M55 E . -28.74 -1.77 10.11
H4 M55 E . -28.50 -4.57 10.21
H1 M55 E . -26.22 -2.34 12.62
H01 M55 E . -31.38 -6.41 13.86
H02 M55 E . -31.54 -6.94 12.38
H08 M55 E . -33.58 -6.41 11.12
H09 M55 E . -35.83 -5.87 11.15
H10 M55 E . -36.78 -4.99 13.06
H11 M55 E . -35.46 -4.64 14.94
H12 M55 E . -33.23 -5.18 14.91
H2 M55 E . -26.27 -3.17 10.44
H5 M55 E . -29.48 -2.88 12.34
HO1 M55 E . -27.98 -0.79 11.90
HO2 M55 E . -25.38 -1.25 10.45
HO3 M55 E . -27.15 -2.92 8.47
HO4 M55 E . -30.38 -4.64 9.62
O1 PG4 F . 0.00 -6.92 -8.19
C1 PG4 F . -0.19 -6.07 -9.32
C2 PG4 F . 1.01 -5.20 -9.62
O2 PG4 F . 0.81 -4.48 -10.84
C3 PG4 F . 1.94 -3.73 -11.26
C4 PG4 F . 1.96 -2.36 -10.61
O3 PG4 F . 2.92 -1.50 -11.22
C5 PG4 F . 2.79 -0.13 -10.81
C6 PG4 F . 3.91 0.69 -11.38
O4 PG4 F . 3.68 2.09 -11.15
C7 PG4 F . 3.93 2.50 -9.81
C8 PG4 F . 3.57 3.94 -9.59
O5 PG4 F . 4.73 4.77 -9.48
HO1 PG4 F . 0.62 -7.48 -8.36
H11 PG4 F . -0.40 -6.62 -10.11
H12 PG4 F . -0.96 -5.48 -9.14
H21 PG4 F . 1.16 -4.58 -8.89
H22 PG4 F . 1.80 -5.78 -9.71
H31 PG4 F . 2.77 -4.21 -11.03
H32 PG4 F . 1.92 -3.61 -12.24
H41 PG4 F . 1.07 -1.95 -10.68
H42 PG4 F . 2.18 -2.46 -9.65
H51 PG4 F . 1.93 0.22 -11.12
H52 PG4 F . 2.80 -0.08 -9.83
H61 PG4 F . 4.76 0.43 -10.95
H62 PG4 F . 3.99 0.54 -12.35
H71 PG4 F . 3.40 1.94 -9.19
H72 PG4 F . 4.88 2.36 -9.60
H81 PG4 F . 3.04 4.26 -10.35
H82 PG4 F . 3.04 4.03 -8.78
HO5 PG4 F . 5.18 4.72 -10.19
C1 EDO G . -39.86 6.47 2.92
O1 EDO G . -40.80 6.63 1.90
C2 EDO G . -39.93 5.12 3.42
O2 EDO G . -39.19 4.27 2.58
H11 EDO G . -38.95 6.64 2.58
H12 EDO G . -40.03 7.11 3.64
HO1 EDO G . -40.78 7.43 1.62
H21 EDO G . -39.57 5.09 4.34
H22 EDO G . -40.88 4.83 3.46
HO2 EDO G . -39.10 3.51 2.95
C1 EDO H . -37.81 -13.34 -16.91
O1 EDO H . -38.65 -12.20 -16.80
C2 EDO H . -37.19 -13.49 -18.24
O2 EDO H . -36.37 -12.41 -18.61
H11 EDO H . -37.09 -13.26 -16.24
H12 EDO H . -38.34 -14.14 -16.70
HO1 EDO H . -38.98 -12.17 -16.02
H21 EDO H . -36.66 -14.32 -18.24
H22 EDO H . -37.91 -13.60 -18.90
HO2 EDO H . -36.11 -12.52 -19.41
C1 EDO I . -0.42 21.78 -6.96
O1 EDO I . 0.47 20.70 -7.12
C2 EDO I . -0.17 22.52 -5.69
O2 EDO I . -0.07 21.63 -4.60
H11 EDO I . -0.32 22.40 -7.71
H12 EDO I . -1.34 21.46 -6.96
HO1 EDO I . 0.30 20.31 -7.86
H21 EDO I . 0.66 23.03 -5.77
H22 EDO I . -0.90 23.15 -5.53
HO2 EDO I . 0.14 22.06 -3.91
C1 EDO J . -3.43 -2.90 6.59
O1 EDO J . -2.72 -3.13 5.38
C2 EDO J . -3.44 -1.48 6.99
O2 EDO J . -4.21 -1.20 8.15
H11 EDO J . -4.35 -3.21 6.48
H12 EDO J . -3.01 -3.43 7.30
HO1 EDO J . -2.73 -3.95 5.20
H21 EDO J . -2.52 -1.18 7.16
H22 EDO J . -3.80 -0.94 6.24
HO2 EDO J . -4.18 -0.38 8.32
C1 EDO K . -3.83 5.57 -15.16
O1 EDO K . -3.84 4.76 -16.32
C2 EDO K . -2.62 5.34 -14.35
O2 EDO K . -2.61 6.21 -13.22
H11 EDO K . -3.85 6.52 -15.44
H12 EDO K . -4.62 5.39 -14.63
HO1 EDO K . -4.56 4.89 -16.74
H21 EDO K . -1.82 5.49 -14.88
H22 EDO K . -2.60 4.41 -14.04
HO2 EDO K . -3.30 6.06 -12.76
C1 EDO L . -26.58 20.92 -10.01
O1 EDO L . -25.72 20.41 -11.01
C2 EDO L . -28.02 20.81 -10.37
O2 EDO L . -28.41 19.49 -10.72
H11 EDO L . -26.37 21.86 -9.85
H12 EDO L . -26.43 20.42 -9.18
HO1 EDO L . -25.80 20.88 -11.70
H21 EDO L . -28.19 21.41 -11.13
H22 EDO L . -28.55 21.12 -9.62
HO2 EDO L . -28.29 18.97 -10.06
C1 EDO M . -5.00 22.42 -13.13
O1 EDO M . -6.36 22.66 -13.46
C2 EDO M . -4.37 21.36 -13.97
O2 EDO M . -5.13 20.16 -13.96
H11 EDO M . -4.49 23.25 -13.23
H12 EDO M . -4.94 22.15 -12.19
HO1 EDO M . -6.41 22.89 -14.27
H21 EDO M . -3.47 21.18 -13.63
H22 EDO M . -4.29 21.68 -14.89
HO2 EDO M . -5.90 20.31 -14.26
C1 EDO N . -47.55 -6.39 -5.87
O1 EDO N . -48.22 -5.48 -5.01
C2 EDO N . -46.07 -6.26 -5.83
O2 EDO N . -45.38 -7.38 -6.37
H11 EDO N . -47.86 -6.24 -6.80
H12 EDO N . -47.81 -7.30 -5.61
HO1 EDO N . -48.01 -4.69 -5.24
H21 EDO N . -45.80 -6.14 -4.90
H22 EDO N . -45.81 -5.46 -6.33
HO2 EDO N . -45.71 -7.57 -7.14
C1 EDO O . -45.95 -5.14 -9.04
O1 EDO O . -44.96 -4.30 -8.42
C2 EDO O . -45.44 -6.17 -9.99
O2 EDO O . -44.65 -7.19 -9.39
H11 EDO O . -46.58 -4.56 -9.52
H12 EDO O . -46.45 -5.60 -8.34
HO1 EDO O . -44.57 -3.84 -9.02
H21 EDO O . -44.90 -5.72 -10.68
H22 EDO O . -46.20 -6.59 -10.44
HO2 EDO O . -45.15 -7.75 -9.00
C1 EDO P . -42.73 15.80 1.39
O1 EDO P . -42.91 14.72 0.49
C2 EDO P . -42.67 15.31 2.79
O2 EDO P . -41.93 14.09 2.85
H11 EDO P . -43.46 16.44 1.29
H12 EDO P . -41.89 16.27 1.17
HO1 EDO P . -43.00 15.02 -0.29
H21 EDO P . -43.59 15.16 3.11
H22 EDO P . -42.25 15.99 3.35
HO2 EDO P . -41.92 13.82 3.66
C1 EDO Q . -13.73 21.68 -14.81
O1 EDO Q . -14.31 22.97 -14.69
C2 EDO Q . -14.67 20.69 -15.39
O2 EDO Q . -14.01 19.64 -16.06
H11 EDO Q . -13.45 21.37 -13.92
H12 EDO Q . -12.93 21.74 -15.37
HO1 EDO Q . -15.00 22.93 -14.21
H21 EDO Q . -15.22 20.31 -14.67
H22 EDO Q . -15.27 21.15 -16.02
HO2 EDO Q . -14.58 19.10 -16.37
C1 EDO R . -34.36 16.04 4.78
O1 EDO R . -33.64 16.48 5.91
C2 EDO R . -34.74 14.60 4.81
O2 EDO R . -33.65 13.71 4.93
H11 EDO R . -33.82 16.20 3.97
H12 EDO R . -35.18 16.58 4.70
HO1 EDO R . -33.45 17.30 5.83
H21 EDO R . -35.23 14.39 3.99
H22 EDO R . -35.35 14.46 5.58
HO2 EDO R . -33.24 13.86 5.66
C1 EDO S . -31.77 8.23 11.79
O1 EDO S . -31.81 8.38 13.19
C2 EDO S . -32.60 7.13 11.29
O2 EDO S . -33.96 7.20 11.71
H11 EDO S . -30.84 8.08 11.51
H12 EDO S . -32.07 9.07 11.37
HO1 EDO S . -32.60 8.57 13.43
H21 EDO S . -32.23 6.27 11.61
H22 EDO S . -32.58 7.12 10.32
HO2 EDO S . -34.00 7.15 12.56
C1 EDO T . -24.09 -19.25 -23.29
O1 EDO T . -25.01 -18.30 -23.82
C2 EDO T . -24.74 -20.44 -22.68
O2 EDO T . -25.39 -21.28 -23.61
H11 EDO T . -23.49 -19.55 -24.01
H12 EDO T . -23.55 -18.81 -22.61
HO1 EDO T . -24.58 -17.66 -24.18
H21 EDO T . -25.39 -20.13 -22.02
H22 EDO T . -24.06 -20.97 -22.21
HO2 EDO T . -25.74 -21.94 -23.21
C1 EDO U . -24.24 -6.16 10.58
O1 EDO U . -24.66 -4.83 10.38
C2 EDO U . -24.76 -6.69 11.85
O2 EDO U . -26.11 -6.27 12.02
H11 EDO U . -23.26 -6.19 10.59
H12 EDO U . -24.54 -6.72 9.84
HO1 EDO U . -24.25 -4.50 9.72
H21 EDO U . -24.22 -6.35 12.60
H22 EDO U . -24.72 -7.66 11.84
HO2 EDO U . -26.39 -6.54 12.78
C1 EDO V . -17.81 -18.39 -21.45
O1 EDO V . -18.93 -17.64 -21.86
C2 EDO V . -17.10 -19.03 -22.59
O2 EDO V . -15.69 -18.89 -22.51
H11 EDO V . -18.11 -19.09 -20.83
H12 EDO V . -17.20 -17.80 -20.97
HO1 EDO V . -18.68 -17.01 -22.38
H21 EDO V . -17.41 -18.62 -23.42
H22 EDO V . -17.32 -19.98 -22.60
HO2 EDO V . -15.41 -19.23 -21.77
C1 EDO W . -35.79 17.40 -8.82
O1 EDO W . -35.17 18.14 -9.85
C2 EDO W . -35.44 17.83 -7.45
O2 EDO W . -36.05 17.03 -6.46
H11 EDO W . -35.56 16.46 -8.93
H12 EDO W . -36.77 17.48 -8.92
HO1 EDO W . -35.49 18.92 -9.87
H21 EDO W . -35.70 18.76 -7.32
H22 EDO W . -34.46 17.78 -7.35
HO2 EDO W . -35.77 17.28 -5.69
C1 EDO X . -3.58 -22.50 -1.14
O1 EDO X . -3.86 -23.79 -1.64
C2 EDO X . -2.51 -21.86 -1.95
O2 EDO X . -2.76 -22.03 -3.35
H11 EDO X . -3.30 -22.56 -0.21
H12 EDO X . -4.40 -21.96 -1.17
HO1 EDO X . -3.14 -24.24 -1.64
H21 EDO X . -1.65 -22.25 -1.72
H22 EDO X . -2.48 -20.90 -1.73
HO2 EDO X . -2.77 -22.85 -3.53
C1 EDO Y . -28.98 -7.72 -36.58
O1 EDO Y . -29.63 -8.57 -35.64
C2 EDO Y . -29.88 -6.64 -37.06
O2 EDO Y . -30.49 -5.90 -36.01
H11 EDO Y . -28.19 -7.31 -36.14
H12 EDO Y . -28.67 -8.25 -37.34
HO1 EDO Y . -29.07 -9.14 -35.35
H21 EDO Y . -29.36 -6.02 -37.63
H22 EDO Y . -30.59 -7.04 -37.62
HO2 EDO Y . -30.96 -5.28 -36.34
C1 PEG Z . -2.73 17.06 6.54
O1 PEG Z . -3.33 16.17 5.63
C2 PEG Z . -3.73 17.98 7.19
O2 PEG Z . -4.11 19.01 6.30
C3 PEG Z . -3.41 20.23 6.48
C4 PEG Z . -2.00 20.13 5.95
O4 PEG Z . -1.35 21.40 5.92
H11 PEG Z . -2.05 17.59 6.08
H12 PEG Z . -2.27 16.54 7.24
HO1 PEG Z . -3.73 16.61 5.02
H21 PEG Z . -4.52 17.47 7.47
H22 PEG Z . -3.33 18.38 8.00
H31 PEG Z . -3.36 20.44 7.44
H32 PEG Z . -3.87 20.96 6.03
H41 PEG Z . -1.48 19.52 6.50
H42 PEG Z . -2.03 19.77 5.03
HO4 PEG Z . -0.56 21.30 5.61
C1 PEG AA . -44.13 -10.56 -11.61
O1 PEG AA . -44.88 -11.67 -11.16
C2 PEG AA . -42.75 -10.49 -11.01
O2 PEG AA . -41.96 -11.62 -11.41
C3 PEG AA . -42.04 -12.74 -10.52
C4 PEG AA . -42.93 -13.82 -11.08
O4 PEG AA . -42.70 -15.08 -10.46
H11 PEG AA . -44.62 -9.74 -11.38
H12 PEG AA . -44.06 -10.61 -12.58
HO1 PEG AA . -44.96 -11.64 -10.31
H21 PEG AA . -42.81 -10.47 -10.03
H22 PEG AA . -42.31 -9.67 -11.31
H31 PEG AA . -42.40 -12.44 -9.66
H32 PEG AA . -41.14 -13.10 -10.38
H41 PEG AA . -42.78 -13.89 -12.04
H42 PEG AA . -43.87 -13.56 -10.94
HO4 PEG AA . -41.91 -15.32 -10.61
C1 PEG BA . -40.07 23.61 -4.96
O1 PEG BA . -41.33 24.20 -4.66
C2 PEG BA . -38.93 24.55 -4.71
O2 PEG BA . -37.68 23.87 -4.77
C3 PEG BA . -37.43 23.04 -3.64
C4 PEG BA . -36.01 22.51 -3.66
O4 PEG BA . -35.62 21.83 -2.46
H11 PEG BA . -40.06 23.33 -5.89
H12 PEG BA . -39.95 22.81 -4.40
HO1 PEG BA . -41.45 24.87 -5.17
H21 PEG BA . -39.03 24.97 -3.82
H22 PEG BA . -38.95 25.26 -5.39
H31 PEG BA . -38.05 22.28 -3.65
H32 PEG BA . -37.57 23.55 -2.81
H41 PEG BA . -35.39 23.27 -3.80
H42 PEG BA . -35.90 21.90 -4.43
HO4 PEG BA . -34.84 21.54 -2.55
C1 PEG CA . -9.55 -9.47 6.99
O1 PEG CA . -9.09 -8.14 6.98
C2 PEG CA . -8.98 -10.29 5.85
O2 PEG CA . -7.57 -10.09 5.73
C3 PEG CA . -6.79 -10.69 6.77
C4 PEG CA . -5.48 -9.95 6.91
O4 PEG CA . -4.82 -9.73 5.66
H11 PEG CA . -9.28 -9.90 7.83
H12 PEG CA . -10.52 -9.48 6.93
HO1 PEG CA . -9.45 -7.71 7.63
H21 PEG CA . -9.41 -10.01 5.01
H22 PEG CA . -9.16 -11.23 6.00
H31 PEG CA . -6.63 -11.63 6.56
H32 PEG CA . -7.29 -10.64 7.61
H41 PEG CA . -4.88 -10.47 7.49
H42 PEG CA . -5.64 -9.08 7.33
HO4 PEG CA . -4.66 -10.47 5.29
C1 PGE DA . -19.22 -15.90 -27.60
O1 PGE DA . -18.56 -16.36 -26.44
C2 PGE DA . -20.24 -14.82 -27.33
O2 PGE DA . -21.40 -15.37 -26.71
C3 PGE DA . -22.52 -14.49 -26.76
C4 PGE DA . -23.28 -14.68 -28.06
O4 PGE DA . -19.92 -16.42 -30.89
C6 PGE DA . -20.76 -15.30 -30.65
C5 PGE DA . -21.94 -15.63 -29.77
O3 PGE DA . -22.44 -14.44 -29.18
H1 PGE DA . -18.55 -15.55 -28.23
H12 PGE DA . -19.67 -16.66 -28.03
HO1 PGE DA . -17.99 -16.95 -26.65
H2 PGE DA . -20.50 -14.39 -28.17
H22 PGE DA . -19.84 -14.14 -26.74
H3 PGE DA . -23.12 -14.67 -26.00
H32 PGE DA . -22.21 -13.57 -26.70
H4 PGE DA . -24.05 -14.07 -28.08
H42 PGE DA . -23.63 -15.60 -28.10
HO4 PGE DA . -19.26 -16.17 -31.35
H6 PGE DA . -20.24 -14.60 -30.23
H62 PGE DA . -21.10 -14.97 -31.51
H5 PGE DA . -21.66 -16.26 -29.07
H52 PGE DA . -22.65 -16.06 -30.31
C1 PGE EA . -22.31 29.33 4.44
O1 PGE EA . -23.44 28.53 4.15
C2 PGE EA . -21.07 28.84 3.77
O2 PGE EA . -20.15 29.91 3.60
C3 PGE EA . -20.53 30.79 2.55
C4 PGE EA . -19.65 30.58 1.36
O4 PGE EA . -20.29 28.62 -2.23
C6 PGE EA . -19.53 28.00 -1.19
C5 PGE EA . -18.92 29.02 -0.27
O3 PGE EA . -19.83 29.29 0.81
H1 PGE EA . -22.49 30.25 4.15
H12 PGE EA . -22.18 29.34 5.41
HO1 PGE EA . -23.30 27.74 4.41
H2 PGE EA . -21.29 28.45 2.89
H22 PGE EA . -20.65 28.13 4.32
H3 PGE EA . -20.45 31.73 2.85
H32 PGE EA . -21.46 30.64 2.30
H4 PGE EA . -18.71 30.69 1.62
H42 PGE EA . -19.85 31.26 0.68
HO4 PGE EA . -19.78 29.09 -2.70
H6 PGE EA . -20.11 27.41 -0.67
H62 PGE EA . -18.82 27.46 -1.59
H5 PGE EA . -18.75 29.85 -0.76
H52 PGE EA . -18.07 28.68 0.09
C1 PGE FA . -35.09 7.85 -13.37
O1 PGE FA . -36.20 8.74 -13.28
C2 PGE FA . -33.80 8.51 -12.96
O2 PGE FA . -32.67 7.72 -13.34
C3 PGE FA . -31.96 7.15 -12.23
C4 PGE FA . -30.68 6.54 -12.71
O4 PGE FA . -27.62 9.23 -13.09
C6 PGE FA . -27.94 8.48 -14.25
C5 PGE FA . -28.70 7.23 -13.89
O3 PGE FA . -29.76 7.59 -13.03
H1 PGE FA . -35.01 7.54 -14.30
H12 PGE FA . -35.25 7.08 -12.80
HO1 PGE FA . -36.29 9.00 -12.48
H2 PGE FA . -33.80 8.63 -11.98
H22 PGE FA . -33.74 9.39 -13.37
H3 PGE FA . -32.52 6.46 -11.80
H32 PGE FA . -31.78 7.85 -11.56
H4 PGE FA . -30.84 6.00 -13.51
H42 PGE FA . -30.29 5.96 -12.02
HO4 PGE FA . -27.36 10.01 -13.32
H6 PGE FA . -28.49 9.03 -14.85
H62 PGE FA . -27.12 8.25 -14.73
H5 PGE FA . -28.10 6.59 -13.44
H52 PGE FA . -29.05 6.79 -14.70
C1 PGE GA . -26.50 -17.66 -19.04
O1 PGE GA . -25.08 -17.76 -19.16
C2 PGE GA . -27.09 -18.57 -17.98
O2 PGE GA . -27.60 -19.76 -18.57
C3 PGE GA . -28.04 -20.72 -17.61
C4 PGE GA . -26.90 -21.13 -16.73
O4 PGE GA . -27.23 -24.98 -16.48
C6 PGE GA . -26.07 -24.17 -16.46
C5 PGE GA . -26.18 -23.02 -15.50
O3 PGE GA . -27.28 -22.20 -15.86
H1 PGE GA . -26.89 -17.88 -19.90
H12 PGE GA . -26.72 -16.73 -18.82
HO1 PGE GA . -24.80 -17.16 -19.68
H2 PGE GA . -27.82 -18.09 -17.52
H22 PGE GA . -26.40 -18.79 -17.32
H3 PGE GA . -28.41 -21.51 -18.07
H32 PGE GA . -28.77 -20.33 -17.06
H4 PGE GA . -26.61 -20.37 -16.19
H42 PGE GA . -26.15 -21.41 -17.29
HO4 PGE GA . -27.38 -25.27 -15.69
H6 PGE GA . -25.92 -23.82 -17.37
H62 PGE GA . -25.29 -24.72 -16.22
H5 PGE GA . -25.36 -22.50 -15.51
H52 PGE GA . -26.31 -23.37 -14.59
MG MG HA . -26.26 -16.77 -0.91
CAA TMO IA . -41.29 -12.03 -31.02
NAC TMO IA . -42.02 -11.00 -30.26
CAD TMO IA . -43.12 -10.46 -31.07
CAB TMO IA . -42.55 -11.62 -29.03
OAE TMO IA . -41.25 -10.06 -29.99
HAA TMO IA . -41.15 -11.70 -32.01
HAAA TMO IA . -41.84 -12.93 -31.02
HAAB TMO IA . -40.34 -12.19 -30.57
HAD TMO IA . -43.77 -11.25 -31.36
HADA TMO IA . -42.71 -10.01 -31.94
HADB TMO IA . -43.65 -9.75 -30.51
HAB TMO IA . -41.75 -11.98 -28.44
HABA TMO IA . -43.19 -12.42 -29.29
HABB TMO IA . -43.09 -10.90 -28.48
CAA TMO JA . -35.39 3.25 -13.56
NAC TMO JA . -34.35 2.91 -12.57
CAD TMO JA . -33.65 1.67 -12.96
CAB TMO JA . -33.40 4.02 -12.53
OAE TMO JA . -34.90 2.75 -11.46
HAA TMO JA . -35.79 2.36 -13.97
HAAA TMO JA . -34.95 3.83 -14.33
HAAB TMO JA . -36.16 3.81 -13.10
HAD TMO JA . -33.09 1.85 -13.84
HADA TMO JA . -34.36 0.91 -13.15
HADB TMO JA . -33.01 1.37 -12.17
HAB TMO JA . -33.93 4.93 -12.62
HABA TMO JA . -32.72 3.93 -13.35
HABB TMO JA . -32.87 4.00 -11.62
CAA TMO KA . -13.67 0.38 -23.55
NAC TMO KA . -14.71 -0.52 -22.98
CAD TMO KA . -15.81 -0.65 -23.95
CAB TMO KA . -14.09 -1.82 -22.69
OAE TMO KA . -15.15 0.05 -21.96
HAA TMO KA . -14.10 1.32 -23.77
HAAA TMO KA . -13.28 -0.06 -24.43
HAAB TMO KA . -12.90 0.50 -22.84
HAD TMO KA . -15.56 -1.41 -24.65
HADA TMO KA . -15.96 0.26 -24.45
HADB TMO KA . -16.69 -0.93 -23.43
HAB TMO KA . -13.05 -1.70 -22.55
HABA TMO KA . -14.26 -2.48 -23.50
HABB TMO KA . -14.51 -2.22 -21.81
S DMS LA . -12.87 26.82 -1.35
O DMS LA . -12.02 27.28 -0.19
C1 DMS LA . -14.39 27.80 -1.48
C2 DMS LA . -12.08 27.42 -2.86
H11 DMS LA . -15.03 27.58 -0.66
H12 DMS LA . -14.89 27.58 -2.39
H13 DMS LA . -14.16 28.84 -1.46
H21 DMS LA . -11.04 27.53 -2.70
H22 DMS LA . -12.50 28.35 -3.14
H23 DMS LA . -12.23 26.71 -3.65
S DMS MA . -11.20 -18.85 -25.49
O DMS MA . -11.36 -17.37 -25.61
C1 DMS MA . -12.72 -19.60 -26.16
C2 DMS MA . -9.92 -19.51 -26.62
H11 DMS MA . -13.55 -18.98 -25.94
H12 DMS MA . -12.86 -20.55 -25.73
H13 DMS MA . -12.62 -19.70 -27.21
H21 DMS MA . -8.98 -19.08 -26.38
H22 DMS MA . -10.17 -19.27 -27.62
H23 DMS MA . -9.86 -20.56 -26.51
C1 GCU NA . 18.87 11.99 13.40
C2 GCU NA . 20.27 12.00 12.84
C3 GCU NA . 20.27 11.60 11.38
C4 GCU NA . 19.54 10.28 11.27
C5 GCU NA . 18.13 10.48 11.80
C6 GCU NA . 17.29 9.27 11.68
O1 GCU NA . 18.09 12.94 12.74
O2 GCU NA . 20.82 13.29 12.98
O3 GCU NA . 21.59 11.45 10.92
O4 GCU NA . 19.63 9.80 9.95
O5 GCU NA . 18.26 10.76 13.17
O6A GCU NA . 17.90 8.23 11.73
O6B GCU NA . 16.04 9.36 11.58
H1 GCU NA . 18.91 12.20 14.48
H2 GCU NA . 20.88 11.27 13.39
H3 GCU NA . 19.74 12.37 10.79
H4 GCU NA . 20.05 9.56 11.95
H5 GCU NA . 17.66 11.33 11.27
HO1 GCU NA . 17.21 12.98 13.14
HO2 GCU NA . 21.03 13.44 13.91
HO3 GCU NA . 22.19 11.94 11.51
HO4 GCU NA . 19.03 9.05 9.85
C1 EDO OA . 15.93 -3.89 -17.37
O1 EDO OA . 17.29 -4.17 -17.62
C2 EDO OA . 15.45 -2.59 -17.90
O2 EDO OA . 15.79 -1.45 -17.13
H11 EDO OA . 15.38 -4.61 -17.76
H12 EDO OA . 15.79 -3.91 -16.39
HO1 EDO OA . 17.50 -4.93 -17.30
H21 EDO OA . 15.83 -2.49 -18.80
H22 EDO OA . 14.48 -2.63 -17.99
HO2 EDO OA . 15.49 -0.76 -17.50
C1 EDO PA . 34.60 -3.71 20.79
O1 EDO PA . 35.75 -2.99 21.23
C2 EDO PA . 33.42 -2.91 21.01
O2 EDO PA . 33.65 -1.58 20.58
H11 EDO PA . 34.68 -3.91 19.83
H12 EDO PA . 34.53 -4.56 21.26
HO1 EDO PA . 36.44 -3.45 21.06
H21 EDO PA . 32.66 -3.30 20.52
H22 EDO PA . 33.19 -2.91 21.96
HO2 EDO PA . 32.97 -1.10 20.74
C1 EDO QA . 10.84 4.15 -9.94
O1 EDO QA . 9.86 3.43 -9.25
C2 EDO QA . 11.12 5.45 -9.33
O2 EDO QA . 12.20 6.08 -9.97
H11 EDO QA . 11.66 3.62 -9.98
H12 EDO QA . 10.53 4.30 -10.87
HO1 EDO QA . 9.81 2.65 -9.56
H21 EDO QA . 10.32 6.02 -9.37
H22 EDO QA . 11.33 5.33 -8.38
HO2 EDO QA . 12.55 6.65 -9.45
C1 EDO RA . 4.87 6.44 24.31
O1 EDO RA . 3.93 6.38 23.24
C2 EDO RA . 6.19 6.97 23.93
O2 EDO RA . 7.17 6.81 24.94
H11 EDO RA . 4.49 7.01 25.02
H12 EDO RA . 4.98 5.54 24.68
HO1 EDO RA . 3.19 6.08 23.53
H21 EDO RA . 6.49 6.52 23.12
H22 EDO RA . 6.10 7.93 23.73
HO2 EDO RA . 7.90 7.14 24.68
C1 EDO SA . 43.69 11.87 6.85
O1 EDO SA . 44.90 12.52 6.47
C2 EDO SA . 43.11 10.99 5.79
O2 EDO SA . 43.55 9.66 5.85
H11 EDO SA . 43.03 12.55 7.10
H12 EDO SA . 43.87 11.32 7.64
HO1 EDO SA . 45.14 13.04 7.09
H21 EDO SA . 43.34 11.37 4.92
H22 EDO SA . 42.13 11.00 5.88
HO2 EDO SA . 43.40 9.33 6.62
C1 EDO TA . 18.42 -18.42 -2.58
O1 EDO TA . 18.43 -18.22 -3.98
C2 EDO TA . 17.59 -19.56 -2.16
O2 EDO TA . 17.27 -19.48 -0.80
H11 EDO TA . 18.10 -17.61 -2.15
H12 EDO TA . 19.35 -18.58 -2.29
HO1 EDO TA . 19.00 -17.62 -4.19
H21 EDO TA . 18.09 -20.40 -2.33
H22 EDO TA . 16.78 -19.57 -2.69
HO2 EDO TA . 17.96 -19.58 -0.33
C1 EDO UA . 33.42 -6.41 -2.77
O1 EDO UA . 32.35 -5.45 -2.83
C2 EDO UA . 32.94 -7.79 -2.99
O2 EDO UA . 31.80 -8.09 -2.19
H11 EDO UA . 34.08 -6.19 -3.46
H12 EDO UA . 33.85 -6.35 -1.89
HO1 EDO UA . 31.97 -5.51 -3.59
H21 EDO UA . 33.66 -8.42 -2.77
H22 EDO UA . 32.71 -7.91 -3.93
HO2 EDO UA . 32.03 -8.08 -1.37
C1 EDO VA . 13.22 9.31 -15.78
O1 EDO VA . 14.58 9.68 -15.72
C2 EDO VA . 12.95 7.96 -15.21
O2 EDO VA . 13.11 7.94 -13.81
H11 EDO VA . 12.92 9.30 -16.71
H12 EDO VA . 12.68 9.96 -15.29
HO1 EDO VA . 14.68 10.45 -16.07
H21 EDO VA . 13.55 7.32 -15.61
H22 EDO VA . 12.03 7.70 -15.42
HO2 EDO VA . 12.93 7.16 -13.52
C1 EDO WA . 43.01 17.21 10.55
O1 EDO WA . 41.68 16.94 10.14
C2 EDO WA . 43.85 15.99 10.63
O2 EDO WA . 43.93 15.31 9.39
H11 EDO WA . 43.42 17.83 9.90
H12 EDO WA . 42.99 17.64 11.42
HO1 EDO WA . 41.69 16.55 9.39
H21 EDO WA . 43.47 15.40 11.30
H22 EDO WA . 44.75 16.24 10.91
HO2 EDO WA . 44.21 15.84 8.80
C1 EDO XA . 42.27 11.11 -3.68
O1 EDO XA . 42.09 10.71 -5.03
C2 EDO XA . 42.46 9.97 -2.74
O2 EDO XA . 41.48 8.97 -2.90
H11 EDO XA . 41.47 11.62 -3.38
H12 EDO XA . 43.04 11.69 -3.61
HO1 EDO XA . 42.00 11.40 -5.51
H21 EDO XA . 42.43 10.29 -1.82
H22 EDO XA . 43.34 9.57 -2.92
HO2 EDO XA . 41.61 8.35 -2.34
C1 EDO YA . 12.49 20.53 -5.32
O1 EDO YA . 12.38 20.73 -3.92
C2 EDO YA . 13.06 21.70 -6.04
O2 EDO YA . 13.24 21.46 -7.43
H11 EDO YA . 13.05 19.75 -5.50
H12 EDO YA . 11.59 20.35 -5.68
HO1 EDO YA . 11.96 21.44 -3.77
H21 EDO YA . 13.92 21.92 -5.64
H22 EDO YA . 12.46 22.46 -5.93
HO2 EDO YA . 12.49 21.26 -7.78
C1 EDO ZA . 30.95 18.60 -8.18
O1 EDO ZA . 31.72 19.78 -8.06
C2 EDO ZA . 31.66 17.53 -8.94
O2 EDO ZA . 32.92 17.23 -8.39
H11 EDO ZA . 30.11 18.80 -8.62
H12 EDO ZA . 30.76 18.26 -7.28
HO1 EDO ZA . 31.30 20.35 -7.60
H21 EDO ZA . 31.77 17.83 -9.87
H22 EDO ZA . 31.10 16.73 -8.96
HO2 EDO ZA . 32.83 16.96 -7.59
C1 EDO AB . 14.37 -22.92 5.79
O1 EDO AB . 13.43 -23.63 6.58
C2 EDO AB . 15.65 -22.64 6.48
O2 EDO AB . 16.75 -23.26 5.85
H11 EDO AB . 13.97 -22.08 5.50
H12 EDO AB . 14.56 -23.45 4.97
HO1 EDO AB . 12.76 -23.84 6.11
H21 EDO AB . 15.59 -22.95 7.40
H22 EDO AB . 15.80 -21.67 6.49
HO2 EDO AB . 16.63 -24.10 5.87
C1 EDO BB . 44.18 7.70 10.56
O1 EDO BB . 43.80 8.79 9.73
C2 EDO BB . 45.41 7.06 10.08
O2 EDO BB . 45.55 5.74 10.54
H11 EDO BB . 43.45 7.04 10.57
H12 EDO BB . 44.32 8.03 11.47
HO1 EDO BB . 44.42 9.36 9.72
H21 EDO BB . 46.19 7.58 10.38
H22 EDO BB . 45.42 7.06 9.10
HO2 EDO BB . 45.51 5.72 11.38
C1 EDO CB . -0.24 -0.96 2.97
O1 EDO CB . -1.55 -1.22 2.54
C2 EDO CB . 0.60 -2.18 2.96
O2 EDO CB . 0.63 -2.90 4.18
H11 EDO CB . -0.27 -0.60 3.89
H12 EDO CB . 0.17 -0.28 2.39
HO1 EDO CB . -1.56 -1.29 1.69
H21 EDO CB . 1.52 -1.92 2.74
H22 EDO CB . 0.27 -2.78 2.26
HO2 EDO CB . 1.04 -3.62 4.06
C1 PEG DB . 6.27 8.12 7.26
O1 PEG DB . 7.34 7.70 8.09
C2 PEG DB . 4.95 7.61 7.75
O2 PEG DB . 3.94 7.69 6.74
C3 PEG DB . 3.84 6.51 5.95
C4 PEG DB . 2.57 6.50 5.12
O4 PEG DB . 2.67 7.23 3.88
H11 PEG DB . 6.43 7.80 6.35
H12 PEG DB . 6.25 9.10 7.24
HO1 PEG DB . 7.21 7.98 8.88
H21 PEG DB . 5.05 6.67 8.03
H22 PEG DB . 4.66 8.13 8.53
H31 PEG DB . 3.83 5.72 6.55
H32 PEG DB . 4.62 6.45 5.36
H41 PEG DB . 1.84 6.90 5.64
H42 PEG DB . 2.33 5.58 4.90
HO4 PEG DB . 2.86 8.04 4.05
C1 PEG EB . 9.45 -8.27 -10.90
O1 PEG EB . 10.67 -8.29 -10.18
C2 PEG EB . 8.29 -8.49 -10.00
O2 PEG EB . 8.50 -9.70 -9.28
C3 PEG EB . 7.59 -9.87 -8.21
C4 PEG EB . 6.95 -11.23 -8.26
O4 PEG EB . 7.82 -12.27 -7.86
H11 PEG EB . 9.46 -8.96 -11.59
H12 PEG EB . 9.35 -7.40 -11.35
HO1 PEG EB . 11.30 -8.10 -10.71
H21 PEG EB . 7.46 -8.55 -10.52
H22 PEG EB . 8.20 -7.75 -9.36
H31 PEG EB . 6.89 -9.19 -8.26
H32 PEG EB . 8.07 -9.77 -7.36
H41 PEG EB . 6.67 -11.41 -9.19
H42 PEG EB . 6.16 -11.23 -7.69
HO4 PEG EB . 8.05 -12.14 -7.06
C1 PGE FB . 12.80 8.49 12.14
O1 PGE FB . 11.87 8.78 11.08
C2 PGE FB . 12.61 7.12 12.76
O2 PGE FB . 11.27 6.91 13.19
C3 PGE FB . 10.90 7.73 14.30
C4 PGE FB . 9.41 7.76 14.44
O4 PGE FB . 7.41 4.26 14.60
C6 PGE FB . 7.08 5.62 14.28
C5 PGE FB . 7.54 6.58 15.34
O3 PGE FB . 8.97 6.72 15.31
H1 PGE FB . 13.70 8.55 11.78
H12 PGE FB . 12.69 9.16 12.84
HO1 PGE FB . 11.08 8.73 11.38
H2 PGE FB . 13.22 7.02 13.52
H22 PGE FB . 12.84 6.43 12.10
H3 PGE FB . 11.23 8.65 14.16
H32 PGE FB . 11.30 7.39 15.12
H4 PGE FB . 8.98 7.65 13.56
H42 PGE FB . 9.13 8.63 14.80
HO4 PGE FB . 8.25 4.18 14.66
H6 PGE FB . 6.11 5.69 14.17
H62 PGE FB . 7.50 5.85 13.43
H5 PGE FB . 7.12 7.46 15.19
H52 PGE FB . 7.27 6.26 16.23
CAA TMO GB . 16.90 -6.48 27.31
NAC TMO GB . 16.27 -5.42 28.11
CAD TMO GB . 14.88 -5.26 27.67
CAB TMO GB . 16.41 -5.83 29.52
OAE TMO GB . 16.80 -4.31 28.04
HAA TMO GB . 16.73 -6.30 26.28
HAAA TMO GB . 16.48 -7.42 27.58
HAAB TMO GB . 17.94 -6.50 27.49
HAD TMO GB . 14.28 -6.01 28.11
HADA TMO GB . 14.83 -5.33 26.62
HADB TMO GB . 14.53 -4.30 27.97
HAB TMO GB . 17.43 -6.00 29.74
HABA TMO GB . 15.86 -6.73 29.68
HABB TMO GB . 16.02 -5.06 30.15
CAA TMO HB . 34.92 -0.58 -21.83
NAC TMO HB . 35.62 0.31 -20.88
CAD TMO HB . 36.98 0.45 -21.38
CAB TMO HB . 35.05 1.66 -20.82
OAE TMO HB . 35.61 -0.19 -19.72
HAA TMO HB . 34.82 -1.54 -21.40
HAAA TMO HB . 35.48 -0.65 -22.72
HAAB TMO HB . 33.97 -0.18 -22.04
HAD TMO HB . 36.96 0.98 -22.29
HADA TMO HB . 37.39 -0.52 -21.53
HADB TMO HB . 37.56 0.96 -20.66
HAB TMO HB . 34.01 1.59 -20.59
HABA TMO HB . 35.17 2.14 -21.75
HABB TMO HB . 35.53 2.23 -20.07
CAA TMO IB . 36.71 -13.41 22.92
NAC TMO IB . 36.97 -12.12 23.57
CAD TMO IB . 35.85 -11.82 24.47
CAB TMO IB . 38.24 -12.20 24.31
OAE TMO IB . 37.07 -11.18 22.74
HAA TMO IB . 35.82 -13.35 22.35
HAAA TMO IB . 36.60 -14.16 23.66
HAAB TMO IB . 37.52 -13.65 22.28
HAD TMO IB . 35.47 -12.73 24.87
HADA TMO IB . 35.08 -11.32 23.93
HADB TMO IB . 36.18 -11.19 25.26
HAB TMO IB . 39.06 -12.14 23.63
HABA TMO IB . 38.29 -13.12 24.84
HABB TMO IB . 38.30 -11.40 25.00
CAA TMO JB . 36.11 -2.92 3.98
NAC TMO JB . 36.22 -3.84 5.13
CAD TMO JB . 36.88 -5.08 4.72
CAB TMO JB . 36.97 -3.21 6.22
OAE TMO JB . 35.12 -4.05 5.59
HAA TMO JB . 35.48 -3.36 3.25
HAAA TMO JB . 37.07 -2.76 3.57
HAAB TMO JB . 35.69 -2.01 4.30
HAD TMO JB . 37.90 -4.88 4.49
HADA TMO JB . 36.40 -5.48 3.87
HADB TMO JB . 36.83 -5.79 5.52
HAB TMO JB . 36.35 -2.50 6.70
HABA TMO JB . 37.82 -2.72 5.82
HABB TMO JB . 37.27 -3.95 6.90
S DMS KB . 30.72 -10.34 2.63
O DMS KB . 29.53 -10.57 3.50
C1 DMS KB . 30.42 -10.58 0.85
C2 DMS KB . 31.21 -8.58 2.64
H11 DMS KB . 29.79 -9.80 0.50
H12 DMS KB . 29.94 -11.51 0.70
H13 DMS KB . 31.33 -10.57 0.34
H21 DMS KB . 30.95 -8.16 3.57
H22 DMS KB . 30.71 -8.08 1.87
H23 DMS KB . 32.26 -8.51 2.50
S DMS LB . 8.59 -25.03 13.51
O DMS LB . 7.16 -24.63 13.36
C1 DMS LB . 9.48 -24.98 11.92
C2 DMS LB . 9.52 -23.75 14.37
H11 DMS LB . 9.28 -24.07 11.43
H12 DMS LB . 9.15 -25.78 11.31
H13 DMS LB . 10.52 -25.09 12.09
H21 DMS LB . 9.44 -22.83 13.84
H22 DMS LB . 9.12 -23.61 15.35
H23 DMS LB . 10.54 -24.03 14.44
S DMS MB . 34.67 -17.20 14.16
O DMS MB . 34.87 -17.04 12.68
C1 DMS MB . 36.24 -17.50 15.02
C2 DMS MB . 34.20 -15.63 14.97
H11 DMS MB . 36.72 -18.34 14.59
H12 DMS MB . 36.05 -17.70 16.04
H13 DMS MB . 36.86 -16.65 14.95
H21 DMS MB . 33.17 -15.46 14.80
H22 DMS MB . 34.76 -14.84 14.55
H23 DMS MB . 34.38 -15.70 16.00
#